data_5UKR
#
_entry.id   5UKR
#
_cell.length_a   50.851
_cell.length_b   71.973
_cell.length_c   252.228
_cell.angle_alpha   90.00
_cell.angle_beta   90.00
_cell.angle_gamma   90.00
#
_symmetry.space_group_name_H-M   'P 21 21 21'
#
loop_
_entity.id
_entity.type
_entity.pdbx_description
1 polymer 'DH522.2 Fab fragment heavy chain'
2 polymer 'DH522.2 Fab fragment light chain'
3 polymer 'Chimeric B.YU2 gp120 core derived from HIV-1 Env'
4 non-polymer 2-acetamido-2-deoxy-beta-D-glucopyranose
5 water water
#
loop_
_entity_poly.entity_id
_entity_poly.type
_entity_poly.pdbx_seq_one_letter_code
_entity_poly.pdbx_strand_id
1 'polypeptide(L)'
;QVQLQESGPGLVKPSETLSLTCAVSGGSIGDDYYWNWIRQSPGKGLEWIGSIYGSFGGTNFNPSLKNRVTISMDTSNNQV
SLKLNSVTAADTAVYYCARGSHSIVVLFGYYFDYWGQGVLVTVSSASTKGPSVFPLAPSSRSTSESTAALGCLVKDYFPE
PVTVSWNSGSLTSGVHTFPAVLQSSGLYSLSSVVTVPSSSLGTQTYVCNVNHKPSNTKVDKRVEIKTCGG
;
H
2 'polypeptide(L)'
;QSALTQPPSVSKSLGQSVTISCSGTTNDIGAYNGVSWYQHHSDTAPRLLIYEVNKRPSGVSDRFSGSKSGNTASLTISGL
QAEDEADYYCGSYRSGSTWVFGGGTRLTVLGQPKASPTVTLFPPSSEELQANKATLVCLISDFYPGVVKVAWKADGSAVN
AGVETTTPSKQSNNKYAASSYLSLTSDQWKSHKSYSCQVTHEGSTVEKTVAPAECS
;
L
3 'polypeptide(L)'
;GARSEVKLENVTENFNMWKNNMVEQMHEDIISLWDQSLKPCVKLTPLCVGAGSCNTSVITQACPKVSFEPIPIHYCAPAG
FAILKCNDKKFNGTGPCTNVSTVQCTHGIRPVVSTQLLLNGSLAEEEIVIRSENFTNNAKTIIVQLNESVVINCTGAGHC
NLSKTQWENTLEQIAIKLKEQFGNNKTIIFNPSSGGDPEIVTHSFNCGGEFFYCNSTQLFTWNDTRKLNNTGRNITLPCR
IKQIINMWQEVGKAMYAPPIRGQIRCSSNITGLLLTRDGGKDTNGTEIFRPGGGDMRDNWRSELYKYKVVKIE
;
G
#
loop_
_chem_comp.id
_chem_comp.type
_chem_comp.name
_chem_comp.formula
NAG D-saccharide, beta linking 2-acetamido-2-deoxy-beta-D-glucopyranose 'C8 H15 N O6'
#
# COMPACT_ATOMS: atom_id res chain seq x y z
N GLN A 1 -12.70 5.84 11.79
CA GLN A 1 -13.37 6.77 10.88
C GLN A 1 -13.93 6.08 9.63
N VAL A 2 -13.24 5.10 9.07
CA VAL A 2 -13.80 4.40 7.92
C VAL A 2 -13.31 2.93 7.80
N GLN A 3 -14.23 2.03 7.46
CA GLN A 3 -13.90 0.62 7.27
C GLN A 3 -13.89 0.24 5.79
N LEU A 4 -12.95 -0.64 5.42
CA LEU A 4 -12.89 -1.14 4.05
C LEU A 4 -12.84 -2.66 4.06
N GLN A 5 -13.59 -3.30 3.17
CA GLN A 5 -13.56 -4.76 3.07
C GLN A 5 -13.41 -5.21 1.59
N GLU A 6 -12.27 -5.84 1.27
CA GLU A 6 -12.04 -6.35 -0.08
C GLU A 6 -12.81 -7.64 -0.27
N SER A 7 -13.14 -7.97 -1.51
CA SER A 7 -13.65 -9.31 -1.82
C SER A 7 -13.52 -9.67 -3.31
N GLY A 8 -13.67 -10.94 -3.63
CA GLY A 8 -13.54 -11.38 -5.02
C GLY A 8 -13.10 -12.83 -5.14
N PRO A 9 -12.98 -13.33 -6.38
CA PRO A 9 -12.52 -14.70 -6.62
C PRO A 9 -11.19 -14.99 -5.96
N GLY A 10 -11.06 -16.19 -5.41
CA GLY A 10 -9.85 -16.58 -4.70
C GLY A 10 -8.88 -17.24 -5.65
N LEU A 11 -9.39 -17.65 -6.79
CA LEU A 11 -8.61 -18.40 -7.76
C LEU A 11 -8.88 -17.89 -9.17
N VAL A 12 -7.83 -17.63 -9.93
CA VAL A 12 -7.97 -17.20 -11.32
C VAL A 12 -7.01 -18.01 -12.20
N LYS A 13 -7.44 -18.37 -13.41
CA LYS A 13 -6.58 -19.07 -14.35
C LYS A 13 -5.66 -18.06 -15.05
N PRO A 14 -4.42 -18.48 -15.37
CA PRO A 14 -3.46 -17.65 -16.11
C PRO A 14 -4.08 -17.09 -17.39
N SER A 15 -3.74 -15.84 -17.73
CA SER A 15 -4.25 -15.07 -18.89
C SER A 15 -5.69 -14.54 -18.73
N GLU A 16 -6.38 -14.94 -17.68
CA GLU A 16 -7.74 -14.45 -17.43
C GLU A 16 -7.76 -13.16 -16.61
N THR A 17 -8.94 -12.59 -16.35
CA THR A 17 -8.98 -11.31 -15.64
C THR A 17 -9.27 -11.44 -14.14
N LEU A 18 -8.41 -10.87 -13.33
CA LEU A 18 -8.61 -10.81 -11.88
C LEU A 18 -9.51 -9.61 -11.56
N SER A 19 -10.55 -9.82 -10.78
CA SER A 19 -11.50 -8.76 -10.49
C SER A 19 -11.76 -8.68 -8.99
N LEU A 20 -11.54 -7.52 -8.39
CA LEU A 20 -11.81 -7.36 -6.97
C LEU A 20 -12.64 -6.12 -6.66
N THR A 21 -13.21 -6.09 -5.46
CA THR A 21 -14.07 -4.98 -5.03
C THR A 21 -13.80 -4.62 -3.59
N CYS A 22 -13.87 -3.33 -3.28
CA CYS A 22 -13.72 -2.82 -1.91
C CYS A 22 -15.04 -2.20 -1.53
N ALA A 23 -15.62 -2.65 -0.42
CA ALA A 23 -16.83 -2.01 0.07
C ALA A 23 -16.50 -1.09 1.25
N VAL A 24 -16.73 0.20 1.07
CA VAL A 24 -16.35 1.22 2.04
C VAL A 24 -17.55 1.60 2.92
N SER A 25 -17.40 1.44 4.23
CA SER A 25 -18.45 1.81 5.20
C SER A 25 -18.00 2.98 6.07
N GLY A 26 -18.94 3.81 6.53
CA GLY A 26 -18.62 4.91 7.42
C GLY A 26 -18.26 6.26 6.81
N GLY A 27 -18.09 6.29 5.51
CA GLY A 27 -17.80 7.49 4.76
C GLY A 27 -18.19 7.21 3.32
N SER A 28 -18.07 8.20 2.45
CA SER A 28 -18.57 8.10 1.09
C SER A 28 -17.41 8.17 0.09
N ILE A 29 -17.42 7.32 -0.93
CA ILE A 29 -16.26 7.35 -1.82
C ILE A 29 -16.27 8.58 -2.72
N GLY A 30 -17.38 9.30 -2.79
CA GLY A 30 -17.40 10.54 -3.56
C GLY A 30 -16.67 11.71 -2.89
N ASP A 31 -15.98 11.45 -1.79
CA ASP A 31 -15.35 12.53 -1.04
C ASP A 31 -13.90 12.74 -1.47
N ASP A 32 -13.23 13.67 -0.82
CA ASP A 32 -11.92 14.12 -1.29
C ASP A 32 -10.81 13.20 -0.82
N TYR A 33 -10.87 11.95 -1.25
CA TYR A 33 -9.83 10.99 -0.92
C TYR A 33 -9.39 10.26 -2.16
N TYR A 34 -8.19 9.69 -2.11
CA TYR A 34 -7.75 8.68 -3.08
C TYR A 34 -8.19 7.30 -2.59
N TRP A 35 -8.67 6.45 -3.49
CA TRP A 35 -8.90 5.05 -3.12
C TRP A 35 -7.90 4.20 -3.89
N ASN A 36 -7.06 3.51 -3.14
CA ASN A 36 -5.88 2.83 -3.67
C ASN A 36 -5.99 1.34 -3.68
N TRP A 37 -5.35 0.70 -4.66
CA TRP A 37 -5.10 -0.73 -4.58
C TRP A 37 -3.62 -1.01 -4.41
N ILE A 38 -3.30 -1.85 -3.45
CA ILE A 38 -1.93 -2.20 -3.09
C ILE A 38 -1.85 -3.70 -2.93
N ARG A 39 -0.70 -4.28 -3.23
CA ARG A 39 -0.60 -5.72 -3.11
C ARG A 39 0.76 -6.15 -2.62
N GLN A 40 0.79 -7.37 -2.12
CA GLN A 40 2.02 -7.98 -1.68
C GLN A 40 2.07 -9.43 -2.06
N SER A 41 3.09 -9.79 -2.83
CA SER A 41 3.26 -11.19 -3.22
C SER A 41 4.12 -11.88 -2.17
N PRO A 42 3.88 -13.19 -1.97
CA PRO A 42 4.67 -13.96 -1.00
C PRO A 42 6.18 -13.81 -1.22
N GLY A 43 6.87 -13.33 -0.19
CA GLY A 43 8.29 -13.10 -0.29
C GLY A 43 8.64 -11.67 -0.64
N LYS A 44 7.79 -11.02 -1.44
CA LYS A 44 8.11 -9.66 -1.87
C LYS A 44 7.54 -8.60 -0.92
N GLY A 45 7.73 -7.35 -1.26
CA GLY A 45 7.29 -6.24 -0.42
C GLY A 45 6.01 -5.65 -0.99
N LEU A 46 5.57 -4.54 -0.44
CA LEU A 46 4.34 -3.90 -0.90
C LEU A 46 4.53 -3.31 -2.28
N GLU A 47 3.44 -3.18 -3.02
CA GLU A 47 3.47 -2.61 -4.35
C GLU A 47 2.16 -1.84 -4.62
N TRP A 48 2.28 -0.55 -4.81
CA TRP A 48 1.16 0.27 -5.25
C TRP A 48 0.81 -0.04 -6.70
N ILE A 49 -0.47 -0.28 -6.95
CA ILE A 49 -1.00 -0.61 -8.27
C ILE A 49 -1.59 0.65 -8.87
N GLY A 50 -2.39 1.36 -8.09
CA GLY A 50 -3.03 2.57 -8.58
C GLY A 50 -4.04 3.17 -7.63
N SER A 51 -4.64 4.27 -8.07
CA SER A 51 -5.57 5.04 -7.25
C SER A 51 -6.66 5.69 -8.11
N ILE A 52 -7.81 5.92 -7.51
CA ILE A 52 -8.85 6.70 -8.16
C ILE A 52 -9.25 7.78 -7.15
N TYR A 53 -9.55 8.97 -7.63
CA TYR A 53 -9.84 10.05 -6.70
C TYR A 53 -11.35 10.29 -6.65
N GLY A 54 -11.92 10.28 -5.45
CA GLY A 54 -13.36 10.23 -5.31
C GLY A 54 -14.19 11.31 -5.99
N SER A 55 -13.68 12.53 -5.90
CA SER A 55 -14.31 13.73 -6.43
C SER A 55 -14.68 13.70 -7.93
N PHE A 56 -13.92 12.97 -8.76
CA PHE A 56 -14.17 13.00 -10.21
C PHE A 56 -13.76 11.73 -10.99
N GLY A 57 -13.18 10.75 -10.32
CA GLY A 57 -12.95 9.47 -10.97
C GLY A 57 -11.64 9.36 -11.72
N GLY A 58 -10.74 10.33 -11.53
CA GLY A 58 -9.44 10.30 -12.21
C GLY A 58 -8.54 9.20 -11.67
N THR A 59 -7.80 8.51 -12.55
CA THR A 59 -6.92 7.44 -12.07
C THR A 59 -5.41 7.63 -12.33
N ASN A 60 -4.65 7.02 -11.43
CA ASN A 60 -3.20 6.92 -11.49
C ASN A 60 -2.78 5.44 -11.49
N PHE A 61 -1.77 5.10 -12.26
CA PHE A 61 -1.33 3.71 -12.25
C PHE A 61 0.17 3.54 -12.06
N ASN A 62 0.54 2.42 -11.45
CA ASN A 62 1.91 1.96 -11.46
C ASN A 62 2.34 1.87 -12.92
N PRO A 63 3.44 2.53 -13.29
CA PRO A 63 3.81 2.53 -14.71
C PRO A 63 4.01 1.14 -15.33
N SER A 64 4.34 0.12 -14.54
CA SER A 64 4.58 -1.21 -15.11
C SER A 64 3.33 -2.10 -15.15
N LEU A 65 2.18 -1.56 -14.73
CA LEU A 65 0.93 -2.30 -14.79
C LEU A 65 -0.10 -1.57 -15.65
N LYS A 66 0.14 -0.29 -15.89
CA LYS A 66 -0.72 0.57 -16.71
C LYS A 66 -1.43 -0.13 -17.90
N ASN A 67 -0.69 -0.93 -18.66
CA ASN A 67 -1.25 -1.52 -19.86
C ASN A 67 -2.31 -2.59 -19.59
N ARG A 68 -2.45 -3.03 -18.33
CA ARG A 68 -3.44 -4.08 -18.01
C ARG A 68 -4.21 -3.89 -16.70
N VAL A 69 -4.26 -2.66 -16.17
CA VAL A 69 -5.07 -2.35 -14.99
C VAL A 69 -6.18 -1.36 -15.30
N THR A 70 -7.37 -1.57 -14.73
CA THR A 70 -8.36 -0.52 -14.61
C THR A 70 -8.91 -0.43 -13.18
N ILE A 71 -9.39 0.75 -12.83
CA ILE A 71 -9.96 0.99 -11.51
C ILE A 71 -11.21 1.82 -11.72
N SER A 72 -12.28 1.50 -11.01
CA SER A 72 -13.52 2.23 -11.16
C SER A 72 -14.11 2.51 -9.79
N MET A 73 -15.08 3.42 -9.72
CA MET A 73 -15.79 3.61 -8.46
C MET A 73 -17.30 3.57 -8.68
N ASP A 74 -17.99 2.91 -7.77
CA ASP A 74 -19.44 2.82 -7.86
C ASP A 74 -20.06 3.67 -6.77
N THR A 75 -20.60 4.81 -7.16
CA THR A 75 -21.00 5.78 -6.14
C THR A 75 -22.28 5.36 -5.42
N SER A 76 -23.17 4.64 -6.09
CA SER A 76 -24.19 3.90 -5.35
C SER A 76 -23.49 2.59 -5.07
N ASN A 77 -23.92 1.86 -4.04
CA ASN A 77 -23.14 0.72 -3.51
C ASN A 77 -21.85 1.12 -2.78
N ASN A 78 -21.34 2.31 -3.08
CA ASN A 78 -20.18 2.83 -2.36
C ASN A 78 -19.00 1.85 -2.42
N GLN A 79 -18.59 1.48 -3.64
CA GLN A 79 -17.55 0.49 -3.87
C GLN A 79 -16.47 0.96 -4.86
N VAL A 80 -15.25 0.49 -4.68
CA VAL A 80 -14.18 0.73 -5.63
C VAL A 80 -13.75 -0.64 -6.20
N SER A 81 -13.32 -0.68 -7.46
CA SER A 81 -13.01 -1.95 -8.11
C SER A 81 -11.67 -1.93 -8.77
N LEU A 82 -11.07 -3.11 -8.79
CA LEU A 82 -9.84 -3.34 -9.47
C LEU A 82 -10.10 -4.42 -10.51
N LYS A 83 -9.61 -4.18 -11.72
CA LYS A 83 -9.53 -5.18 -12.77
C LYS A 83 -8.10 -5.24 -13.26
N LEU A 84 -7.49 -6.40 -13.08
CA LEU A 84 -6.13 -6.67 -13.54
C LEU A 84 -6.20 -7.73 -14.64
N ASN A 85 -5.79 -7.36 -15.85
CA ASN A 85 -5.88 -8.23 -17.02
C ASN A 85 -4.66 -9.13 -17.26
N SER A 86 -4.87 -10.17 -18.06
CA SER A 86 -3.78 -11.06 -18.53
C SER A 86 -2.82 -11.43 -17.41
N VAL A 87 -3.35 -12.04 -16.36
CA VAL A 87 -2.56 -12.44 -15.20
C VAL A 87 -1.64 -13.62 -15.46
N THR A 88 -0.69 -13.79 -14.55
CA THR A 88 0.16 -14.98 -14.41
C THR A 88 0.38 -15.23 -12.93
N ALA A 89 1.09 -16.29 -12.62
CA ALA A 89 1.39 -16.64 -11.22
C ALA A 89 2.13 -15.51 -10.49
N ALA A 90 2.79 -14.62 -11.23
CA ALA A 90 3.42 -13.47 -10.59
C ALA A 90 2.35 -12.52 -10.04
N ASP A 91 1.10 -12.78 -10.39
CA ASP A 91 0.02 -11.92 -9.90
C ASP A 91 -0.63 -12.50 -8.62
N THR A 92 -0.20 -13.68 -8.22
CA THR A 92 -0.55 -14.22 -6.91
C THR A 92 -0.06 -13.33 -5.81
N ALA A 93 -0.97 -12.93 -4.93
CA ALA A 93 -0.65 -11.95 -3.88
C ALA A 93 -1.84 -11.63 -3.01
N VAL A 94 -1.58 -11.01 -1.87
CA VAL A 94 -2.64 -10.46 -1.03
C VAL A 94 -2.94 -9.09 -1.60
N TYR A 95 -4.20 -8.82 -1.93
CA TYR A 95 -4.60 -7.50 -2.44
C TYR A 95 -5.27 -6.61 -1.36
N TYR A 96 -4.74 -5.42 -1.16
CA TYR A 96 -5.26 -4.48 -0.16
C TYR A 96 -5.97 -3.31 -0.82
N CYS A 97 -6.93 -2.75 -0.11
CA CYS A 97 -7.63 -1.56 -0.57
C CYS A 97 -7.32 -0.54 0.50
N ALA A 98 -6.92 0.67 0.13
CA ALA A 98 -6.57 1.67 1.16
C ALA A 98 -6.97 3.09 0.80
N ARG A 99 -7.36 3.85 1.82
CA ARG A 99 -7.75 5.25 1.59
C ARG A 99 -6.53 6.16 1.63
N GLY A 100 -6.50 7.12 0.71
CA GLY A 100 -5.41 8.09 0.66
C GLY A 100 -5.89 9.44 1.14
N SER A 101 -5.19 9.97 2.13
CA SER A 101 -5.50 11.30 2.67
C SER A 101 -4.37 12.27 2.32
N HIS A 102 -4.68 13.56 2.35
CA HIS A 102 -3.75 14.57 1.87
C HIS A 102 -4.09 15.97 2.38
N SER A 103 -3.07 16.80 2.49
CA SER A 103 -3.28 18.24 2.65
C SER A 103 -3.17 18.85 1.27
N ILE A 104 -1.97 19.32 0.96
CA ILE A 104 -1.65 19.75 -0.38
C ILE A 104 -0.67 18.74 -1.00
N VAL A 105 -1.18 17.95 -1.94
CA VAL A 105 -0.41 16.86 -2.54
C VAL A 105 0.89 17.36 -3.17
N VAL A 106 0.84 18.50 -3.86
CA VAL A 106 2.02 19.00 -4.60
C VAL A 106 3.22 19.33 -3.71
N LEU A 107 2.99 19.42 -2.40
CA LEU A 107 4.08 19.65 -1.45
C LEU A 107 4.31 18.47 -0.50
N PHE A 108 3.22 17.81 -0.12
CA PHE A 108 3.28 16.77 0.92
C PHE A 108 2.79 15.38 0.47
N GLY A 109 2.37 15.28 -0.79
CA GLY A 109 1.98 14.00 -1.34
C GLY A 109 0.62 13.53 -0.83
N TYR A 110 0.50 12.21 -0.68
CA TYR A 110 -0.60 11.64 0.09
C TYR A 110 -0.11 10.35 0.77
N TYR A 111 -0.93 9.83 1.69
CA TYR A 111 -0.53 8.73 2.57
C TYR A 111 -1.73 7.83 2.86
N PHE A 112 -1.46 6.58 3.25
CA PHE A 112 -2.49 5.56 3.37
C PHE A 112 -2.84 5.35 4.84
N ASP A 113 -3.96 5.93 5.27
CA ASP A 113 -4.26 5.95 6.68
C ASP A 113 -5.25 4.84 7.08
N TYR A 114 -6.16 4.46 6.20
CA TYR A 114 -7.05 3.33 6.47
C TYR A 114 -6.98 2.25 5.39
N TRP A 115 -6.77 1.02 5.86
CA TRP A 115 -6.65 -0.19 5.03
C TRP A 115 -7.68 -1.27 5.34
N GLY A 116 -8.07 -2.05 4.34
CA GLY A 116 -8.87 -3.25 4.58
C GLY A 116 -7.93 -4.35 5.01
N GLN A 117 -8.45 -5.56 5.15
CA GLN A 117 -7.65 -6.65 5.70
C GLN A 117 -6.93 -7.42 4.61
N GLY A 118 -7.30 -7.14 3.37
CA GLY A 118 -6.67 -7.82 2.27
C GLY A 118 -7.40 -9.11 1.99
N VAL A 119 -7.40 -9.49 0.72
CA VAL A 119 -7.98 -10.75 0.27
C VAL A 119 -6.90 -11.45 -0.58
N LEU A 120 -6.68 -12.74 -0.33
CA LEU A 120 -5.71 -13.50 -1.10
C LEU A 120 -6.29 -13.89 -2.46
N VAL A 121 -5.49 -13.75 -3.51
CA VAL A 121 -5.91 -14.17 -4.83
C VAL A 121 -4.79 -15.02 -5.42
N THR A 122 -5.16 -16.20 -5.91
CA THR A 122 -4.17 -17.17 -6.37
C THR A 122 -4.36 -17.49 -7.83
N VAL A 123 -3.29 -17.35 -8.60
CA VAL A 123 -3.31 -17.58 -10.06
C VAL A 123 -2.72 -18.92 -10.38
N SER A 124 -3.51 -19.79 -10.99
CA SER A 124 -3.09 -21.18 -11.11
C SER A 124 -3.96 -21.94 -12.08
N SER A 125 -3.51 -23.11 -12.49
CA SER A 125 -4.32 -23.96 -13.35
C SER A 125 -4.95 -25.12 -12.58
N ALA A 126 -4.47 -25.34 -11.37
CA ALA A 126 -5.00 -26.36 -10.48
C ALA A 126 -6.49 -26.16 -10.29
N SER A 127 -7.22 -27.25 -10.20
CA SER A 127 -8.66 -27.15 -9.94
C SER A 127 -8.91 -26.73 -8.49
N THR A 128 -10.13 -26.32 -8.22
CA THR A 128 -10.52 -26.05 -6.86
C THR A 128 -10.89 -27.34 -6.17
N LYS A 129 -10.67 -27.41 -4.87
CA LYS A 129 -11.20 -28.54 -4.12
C LYS A 129 -11.65 -28.05 -2.75
N GLY A 130 -12.93 -28.23 -2.46
CA GLY A 130 -13.47 -27.89 -1.15
C GLY A 130 -13.00 -28.91 -0.13
N PRO A 131 -12.95 -28.50 1.14
CA PRO A 131 -12.43 -29.38 2.20
C PRO A 131 -13.46 -30.33 2.76
N SER A 132 -12.97 -31.35 3.46
CA SER A 132 -13.79 -32.12 4.37
C SER A 132 -13.63 -31.52 5.76
N VAL A 133 -14.69 -31.53 6.56
CA VAL A 133 -14.61 -30.92 7.88
C VAL A 133 -14.88 -31.95 8.93
N PHE A 134 -13.95 -32.11 9.87
CA PHE A 134 -14.09 -33.09 10.93
C PHE A 134 -13.97 -32.48 12.31
N PRO A 135 -14.72 -33.02 13.27
CA PRO A 135 -14.68 -32.50 14.64
C PRO A 135 -13.46 -32.97 15.40
N LEU A 136 -13.01 -32.17 16.37
CA LEU A 136 -11.93 -32.54 17.27
C LEU A 136 -12.36 -32.42 18.73
N ALA A 137 -12.47 -33.56 19.41
CA ALA A 137 -12.77 -33.63 20.83
C ALA A 137 -11.92 -34.74 21.48
N PRO A 138 -11.70 -34.64 22.81
CA PRO A 138 -11.09 -35.75 23.55
C PRO A 138 -11.78 -37.10 23.31
N GLU A 145 -9.04 -30.70 34.97
CA GLU A 145 -8.42 -29.81 34.00
C GLU A 145 -8.91 -28.36 34.16
N SER A 146 -10.24 -28.23 34.35
CA SER A 146 -10.94 -26.94 34.52
C SER A 146 -11.13 -26.18 33.21
N THR A 147 -10.69 -26.80 32.10
CA THR A 147 -10.74 -26.17 30.79
C THR A 147 -10.52 -27.23 29.69
N ALA A 148 -11.33 -27.21 28.65
CA ALA A 148 -11.25 -28.23 27.60
C ALA A 148 -11.00 -27.61 26.23
N ALA A 149 -10.40 -28.40 25.33
CA ALA A 149 -10.08 -27.91 23.99
C ALA A 149 -10.90 -28.65 22.95
N LEU A 150 -11.64 -27.90 22.14
CA LEU A 150 -12.45 -28.48 21.08
C LEU A 150 -12.00 -27.91 19.73
N GLY A 151 -12.23 -28.66 18.67
CA GLY A 151 -11.76 -28.16 17.39
C GLY A 151 -12.47 -28.67 16.17
N CYS A 152 -12.11 -28.06 15.05
CA CYS A 152 -12.46 -28.56 13.74
C CYS A 152 -11.21 -28.75 12.93
N LEU A 153 -11.15 -29.88 12.25
CA LEU A 153 -10.12 -30.15 11.27
C LEU A 153 -10.69 -29.90 9.88
N VAL A 154 -10.06 -28.95 9.16
CA VAL A 154 -10.46 -28.61 7.79
C VAL A 154 -9.43 -29.20 6.81
N LYS A 155 -9.83 -30.28 6.16
CA LYS A 155 -8.88 -31.18 5.51
C LYS A 155 -8.94 -31.14 3.97
N ASP A 156 -7.79 -30.92 3.33
CA ASP A 156 -7.57 -31.13 1.89
C ASP A 156 -8.32 -30.21 0.93
N TYR A 157 -7.98 -28.93 0.93
CA TYR A 157 -8.64 -27.97 0.05
C TYR A 157 -7.63 -27.16 -0.79
N PHE A 158 -8.11 -26.54 -1.87
CA PHE A 158 -7.28 -25.66 -2.68
C PHE A 158 -8.17 -24.64 -3.35
N PRO A 159 -7.77 -23.37 -3.36
CA PRO A 159 -6.57 -22.84 -2.73
C PRO A 159 -6.90 -22.22 -1.38
N GLU A 160 -5.91 -21.60 -0.73
CA GLU A 160 -6.16 -20.83 0.48
C GLU A 160 -6.99 -19.58 0.16
N PRO A 161 -7.69 -19.03 1.15
CA PRO A 161 -7.80 -19.42 2.57
C PRO A 161 -9.10 -20.16 2.91
N VAL A 162 -9.27 -20.58 4.17
CA VAL A 162 -10.59 -20.92 4.69
C VAL A 162 -10.90 -20.12 5.95
N THR A 163 -12.16 -19.78 6.09
CA THR A 163 -12.69 -19.08 7.25
C THR A 163 -13.22 -20.11 8.23
N VAL A 164 -12.86 -19.95 9.49
CA VAL A 164 -13.52 -20.74 10.53
C VAL A 164 -14.01 -19.86 11.65
N SER A 165 -15.30 -19.91 11.92
CA SER A 165 -15.81 -19.22 13.09
C SER A 165 -16.53 -20.22 13.99
N TRP A 166 -16.87 -19.80 15.19
CA TRP A 166 -17.47 -20.69 16.13
C TRP A 166 -18.80 -20.12 16.60
N ASN A 167 -19.84 -20.94 16.57
CA ASN A 167 -21.17 -20.51 16.97
C ASN A 167 -21.59 -19.22 16.29
N SER A 168 -21.50 -19.20 14.96
CA SER A 168 -21.86 -18.04 14.12
C SER A 168 -21.14 -16.71 14.46
N GLY A 169 -20.00 -16.77 15.11
CA GLY A 169 -19.31 -15.54 15.48
C GLY A 169 -19.59 -15.04 16.88
N SER A 170 -20.48 -15.74 17.61
CA SER A 170 -20.89 -15.37 18.96
C SER A 170 -19.90 -15.84 20.04
N LEU A 171 -18.93 -16.65 19.61
CA LEU A 171 -17.83 -17.11 20.47
C LEU A 171 -16.48 -16.62 19.88
N THR A 172 -15.68 -15.96 20.70
CA THR A 172 -14.48 -15.27 20.25
C THR A 172 -13.28 -15.55 21.15
N SER A 173 -13.46 -15.28 22.44
CA SER A 173 -12.49 -15.66 23.47
C SER A 173 -12.13 -17.12 23.34
N GLY A 174 -10.84 -17.41 23.18
CA GLY A 174 -10.37 -18.77 23.18
C GLY A 174 -10.29 -19.37 21.79
N VAL A 175 -10.68 -18.61 20.79
CA VAL A 175 -10.58 -19.13 19.43
C VAL A 175 -9.20 -18.90 18.87
N HIS A 176 -8.64 -19.96 18.30
CA HIS A 176 -7.32 -19.94 17.71
C HIS A 176 -7.35 -20.77 16.43
N THR A 177 -7.17 -20.11 15.29
CA THR A 177 -7.17 -20.86 14.03
C THR A 177 -5.76 -20.93 13.49
N PHE A 178 -5.22 -22.13 13.41
CA PHE A 178 -3.80 -22.34 13.15
C PHE A 178 -3.51 -22.20 11.66
N PRO A 179 -2.30 -21.78 11.28
CA PRO A 179 -1.94 -21.73 9.85
C PRO A 179 -1.97 -23.11 9.17
N ALA A 180 -2.28 -23.12 7.88
CA ALA A 180 -2.42 -24.38 7.14
C ALA A 180 -1.10 -25.09 6.90
N VAL A 181 -1.17 -26.42 6.84
CA VAL A 181 -0.03 -27.23 6.39
C VAL A 181 -0.25 -27.53 4.92
N LEU A 182 0.83 -27.59 4.13
CA LEU A 182 0.74 -27.97 2.71
C LEU A 182 1.28 -29.37 2.50
N GLN A 183 0.43 -30.24 1.99
CA GLN A 183 0.82 -31.61 1.71
C GLN A 183 1.46 -31.69 0.32
N SER A 184 2.24 -32.74 0.07
CA SER A 184 2.87 -32.87 -1.24
C SER A 184 1.86 -33.11 -2.38
N SER A 185 0.58 -33.28 -2.03
CA SER A 185 -0.48 -33.40 -3.03
C SER A 185 -0.86 -32.03 -3.61
N GLY A 186 -0.40 -30.97 -2.95
CA GLY A 186 -0.77 -29.61 -3.33
C GLY A 186 -2.03 -29.12 -2.59
N LEU A 187 -2.56 -29.96 -1.71
CA LEU A 187 -3.75 -29.61 -0.93
C LEU A 187 -3.38 -29.12 0.48
N TYR A 188 -4.19 -28.17 0.98
CA TYR A 188 -3.96 -27.58 2.30
C TYR A 188 -4.84 -28.22 3.37
N SER A 189 -4.39 -28.22 4.61
CA SER A 189 -5.27 -28.53 5.74
C SER A 189 -4.97 -27.60 6.90
N LEU A 190 -5.99 -27.23 7.68
CA LEU A 190 -5.75 -26.49 8.90
C LEU A 190 -6.66 -26.97 10.02
N SER A 191 -6.47 -26.38 11.19
CA SER A 191 -7.26 -26.70 12.37
C SER A 191 -7.59 -25.45 13.15
N SER A 192 -8.84 -25.38 13.61
CA SER A 192 -9.28 -24.28 14.48
C SER A 192 -9.57 -24.85 15.87
N VAL A 193 -9.00 -24.25 16.90
CA VAL A 193 -9.25 -24.70 18.26
C VAL A 193 -9.84 -23.62 19.14
N VAL A 194 -10.87 -24.00 19.90
CA VAL A 194 -11.44 -23.07 20.85
C VAL A 194 -11.37 -23.70 22.23
N THR A 195 -10.90 -22.91 23.20
CA THR A 195 -10.70 -23.41 24.55
C THR A 195 -11.82 -22.94 25.49
N VAL A 196 -12.71 -23.86 25.81
CA VAL A 196 -13.92 -23.56 26.57
C VAL A 196 -13.79 -23.88 28.06
N PRO A 197 -14.61 -23.25 28.90
CA PRO A 197 -14.69 -23.76 30.27
C PRO A 197 -15.10 -25.24 30.30
N SER A 198 -14.35 -26.05 31.04
CA SER A 198 -14.66 -27.47 31.14
C SER A 198 -16.02 -27.71 31.78
N SER A 199 -16.45 -26.80 32.65
CA SER A 199 -17.74 -26.94 33.31
C SER A 199 -18.92 -26.63 32.37
N SER A 200 -18.64 -25.93 31.28
CA SER A 200 -19.69 -25.51 30.35
C SER A 200 -20.15 -26.61 29.39
N LEU A 201 -19.42 -27.72 29.35
CA LEU A 201 -19.79 -28.84 28.48
C LEU A 201 -21.08 -29.49 28.95
N GLY A 202 -21.80 -30.14 28.04
CA GLY A 202 -23.08 -30.74 28.38
C GLY A 202 -24.16 -29.70 28.54
N THR A 203 -23.76 -28.43 28.50
CA THR A 203 -24.67 -27.31 28.63
C THR A 203 -24.63 -26.44 27.39
N GLN A 204 -23.43 -25.99 27.05
CA GLN A 204 -23.26 -25.15 25.87
C GLN A 204 -22.98 -26.02 24.67
N THR A 205 -23.40 -25.53 23.52
CA THR A 205 -23.25 -26.22 22.28
C THR A 205 -22.15 -25.52 21.48
N TYR A 206 -21.31 -26.27 20.79
CA TYR A 206 -20.20 -25.69 20.05
C TYR A 206 -20.20 -26.16 18.60
N VAL A 207 -20.25 -25.18 17.69
CA VAL A 207 -20.37 -25.45 16.27
C VAL A 207 -19.35 -24.65 15.48
N CYS A 208 -18.59 -25.31 14.62
CA CYS A 208 -17.64 -24.56 13.78
C CYS A 208 -18.26 -24.21 12.43
N ASN A 209 -18.02 -23.00 11.98
CA ASN A 209 -18.54 -22.58 10.69
C ASN A 209 -17.40 -22.36 9.72
N VAL A 210 -17.29 -23.28 8.76
CA VAL A 210 -16.18 -23.34 7.82
C VAL A 210 -16.53 -22.76 6.45
N ASN A 211 -15.78 -21.77 5.99
CA ASN A 211 -16.11 -21.18 4.70
C ASN A 211 -14.95 -21.22 3.71
N HIS A 212 -15.18 -21.86 2.57
CA HIS A 212 -14.18 -21.93 1.53
C HIS A 212 -14.73 -21.31 0.26
N LYS A 213 -14.59 -19.99 0.15
CA LYS A 213 -15.18 -19.23 -0.95
C LYS A 213 -14.87 -19.71 -2.37
N PRO A 214 -13.60 -20.05 -2.68
CA PRO A 214 -13.34 -20.45 -4.09
C PRO A 214 -14.14 -21.67 -4.58
N SER A 215 -14.59 -22.50 -3.65
CA SER A 215 -15.35 -23.70 -4.02
C SER A 215 -16.80 -23.67 -3.53
N ASN A 216 -17.23 -22.53 -3.00
CA ASN A 216 -18.60 -22.36 -2.48
C ASN A 216 -18.97 -23.44 -1.45
N THR A 217 -18.06 -23.68 -0.53
CA THR A 217 -18.24 -24.66 0.53
C THR A 217 -18.57 -23.98 1.87
N LYS A 218 -19.78 -24.24 2.37
CA LYS A 218 -20.20 -23.73 3.66
C LYS A 218 -20.65 -24.89 4.55
N VAL A 219 -19.89 -25.15 5.60
CA VAL A 219 -20.17 -26.28 6.48
C VAL A 219 -20.22 -25.84 7.93
N ASP A 220 -21.24 -26.33 8.63
CA ASP A 220 -21.33 -26.25 10.08
C ASP A 220 -21.16 -27.65 10.63
N LYS A 221 -20.22 -27.83 11.56
CA LYS A 221 -20.06 -29.12 12.23
C LYS A 221 -20.31 -28.97 13.72
N ARG A 222 -21.19 -29.81 14.26
CA ARG A 222 -21.31 -29.88 15.71
C ARG A 222 -20.10 -30.62 16.26
N VAL A 223 -19.55 -30.12 17.36
CA VAL A 223 -18.42 -30.77 18.01
C VAL A 223 -18.82 -31.23 19.42
N GLU A 224 -19.04 -32.53 19.61
CA GLU A 224 -19.41 -33.07 20.93
C GLU A 224 -18.39 -34.10 21.42
N ILE A 225 -18.32 -34.30 22.73
CA ILE A 225 -17.54 -35.41 23.30
C ILE A 225 -18.45 -36.64 23.30
N LYS A 226 -18.06 -37.65 22.52
CA LYS A 226 -19.00 -38.68 22.06
C LYS A 226 -19.24 -39.83 23.04
N THR A 227 -20.16 -40.71 22.63
CA THR A 227 -20.58 -41.89 23.38
C THR A 227 -19.38 -42.70 23.92
N ALA B 3 12.33 1.22 -7.54
CA ALA B 3 11.75 1.46 -6.23
C ALA B 3 12.72 2.22 -5.31
N LEU B 4 12.40 2.28 -4.01
CA LEU B 4 13.25 2.96 -3.04
C LEU B 4 13.98 1.92 -2.20
N THR B 5 15.22 2.20 -1.85
CA THR B 5 16.04 1.18 -1.23
C THR B 5 16.11 1.27 0.30
N GLN B 6 15.85 0.14 0.96
CA GLN B 6 16.05 0.00 2.40
C GLN B 6 16.90 -1.25 2.63
N PRO B 7 17.68 -1.27 3.72
CA PRO B 7 18.28 -2.55 4.06
C PRO B 7 17.19 -3.59 4.33
N PRO B 8 17.40 -4.82 3.86
CA PRO B 8 16.36 -5.86 3.95
C PRO B 8 16.09 -6.26 5.38
N SER B 9 17.09 -6.18 6.25
CA SER B 9 16.95 -6.63 7.63
C SER B 9 17.94 -5.99 8.60
N VAL B 10 17.45 -5.64 9.77
CA VAL B 10 18.32 -5.16 10.84
C VAL B 10 17.95 -5.86 12.15
N SER B 11 18.94 -6.09 13.01
CA SER B 11 18.73 -6.64 14.34
C SER B 11 19.20 -5.67 15.41
N LYS B 12 18.35 -5.46 16.41
CA LYS B 12 18.76 -4.76 17.61
C LYS B 12 18.24 -5.55 18.81
N SER B 13 18.33 -4.96 19.99
CA SER B 13 17.89 -5.66 21.20
C SER B 13 16.80 -4.86 21.91
N LEU B 14 16.04 -5.53 22.77
CA LEU B 14 15.07 -4.87 23.63
C LEU B 14 15.74 -3.68 24.33
N GLY B 15 15.05 -2.55 24.34
CA GLY B 15 15.54 -1.38 25.03
C GLY B 15 16.33 -0.43 24.18
N GLN B 16 16.88 -0.93 23.07
CA GLN B 16 17.75 -0.09 22.24
C GLN B 16 16.96 0.79 21.28
N SER B 17 17.70 1.57 20.52
CA SER B 17 17.15 2.35 19.42
C SER B 17 17.59 1.75 18.09
N VAL B 18 16.78 1.95 17.06
CA VAL B 18 17.14 1.49 15.72
C VAL B 18 16.79 2.58 14.69
N THR B 19 17.55 2.67 13.62
CA THR B 19 17.24 3.63 12.58
C THR B 19 17.22 2.94 11.25
N ILE B 20 16.12 3.08 10.54
CA ILE B 20 15.92 2.44 9.25
C ILE B 20 15.97 3.51 8.17
N SER B 21 16.91 3.36 7.23
CA SER B 21 17.05 4.31 6.14
C SER B 21 16.28 3.90 4.88
N CYS B 22 15.68 4.89 4.23
CA CYS B 22 15.04 4.72 2.94
C CYS B 22 15.75 5.67 2.00
N SER B 23 16.42 5.10 1.00
CA SER B 23 17.12 5.93 0.03
C SER B 23 16.29 6.02 -1.24
N GLY B 24 15.84 7.23 -1.56
CA GLY B 24 15.05 7.46 -2.77
C GLY B 24 15.75 8.28 -3.84
N THR B 25 14.96 8.92 -4.71
CA THR B 25 15.47 9.72 -5.82
C THR B 25 14.97 11.16 -5.79
N THR B 26 15.52 12.00 -6.66
CA THR B 26 15.14 13.41 -6.74
C THR B 26 13.65 13.62 -7.06
N ASN B 27 12.99 12.60 -7.59
CA ASN B 27 11.59 12.70 -7.99
C ASN B 27 10.54 12.24 -6.96
N ASP B 28 11.01 11.68 -5.84
CA ASP B 28 10.10 11.27 -4.76
C ASP B 28 10.41 12.03 -3.50
N ILE B 29 11.41 11.54 -2.77
CA ILE B 29 11.82 12.14 -1.50
C ILE B 29 12.40 13.55 -1.63
N GLY B 30 13.08 13.86 -2.72
CA GLY B 30 13.65 15.20 -2.88
C GLY B 30 12.68 16.20 -3.49
N ALA B 31 11.54 15.71 -3.95
CA ALA B 31 10.57 16.57 -4.63
C ALA B 31 9.42 16.96 -3.70
N TYR B 32 9.17 16.13 -2.69
CA TYR B 32 8.07 16.38 -1.78
C TYR B 32 8.49 16.16 -0.33
N ASN B 33 7.76 16.74 0.60
CA ASN B 33 7.80 16.19 1.95
C ASN B 33 6.67 15.16 2.07
N GLY B 34 6.75 14.10 1.28
CA GLY B 34 5.68 13.12 1.20
C GLY B 34 6.06 11.71 1.64
N VAL B 35 7.05 11.59 2.51
CA VAL B 35 7.48 10.27 2.95
C VAL B 35 6.54 9.74 4.03
N SER B 36 6.04 8.53 3.85
CA SER B 36 5.25 7.87 4.88
C SER B 36 5.93 6.59 5.29
N TRP B 37 5.78 6.22 6.57
CA TRP B 37 6.29 4.95 7.05
C TRP B 37 5.18 4.02 7.53
N TYR B 38 5.33 2.73 7.28
CA TYR B 38 4.30 1.74 7.60
C TYR B 38 4.87 0.56 8.39
N GLN B 39 4.21 0.24 9.49
CA GLN B 39 4.49 -0.99 10.22
C GLN B 39 3.67 -2.10 9.57
N HIS B 40 4.22 -3.30 9.48
CA HIS B 40 3.43 -4.41 9.01
C HIS B 40 3.66 -5.69 9.82
N HIS B 41 2.69 -6.06 10.64
CA HIS B 41 2.71 -7.37 11.30
C HIS B 41 2.05 -8.42 10.44
N SER B 42 2.41 -9.66 10.68
CA SER B 42 1.83 -10.78 9.96
C SER B 42 0.34 -10.94 10.32
N ASP B 43 -0.48 -11.20 9.31
CA ASP B 43 -1.92 -11.39 9.48
C ASP B 43 -2.63 -10.10 9.90
N THR B 44 -1.94 -8.97 9.76
CA THR B 44 -2.51 -7.66 10.02
C THR B 44 -2.31 -6.81 8.77
N ALA B 45 -3.11 -5.77 8.58
CA ALA B 45 -2.88 -4.83 7.49
C ALA B 45 -1.81 -3.83 7.91
N PRO B 46 -1.06 -3.27 6.94
CA PRO B 46 -0.05 -2.29 7.30
C PRO B 46 -0.66 -1.14 8.07
N ARG B 47 0.02 -0.72 9.11
CA ARG B 47 -0.42 0.36 9.98
C ARG B 47 0.41 1.60 9.69
N LEU B 48 -0.27 2.71 9.41
CA LEU B 48 0.41 3.98 9.20
C LEU B 48 1.14 4.42 10.47
N LEU B 49 2.38 4.90 10.31
CA LEU B 49 3.25 5.29 11.41
C LEU B 49 3.65 6.76 11.38
N ILE B 50 4.18 7.17 10.23
CA ILE B 50 4.63 8.52 10.00
C ILE B 50 4.07 8.99 8.65
N TYR B 51 3.59 10.23 8.59
CA TYR B 51 3.17 10.82 7.32
C TYR B 51 3.79 12.21 7.20
N GLU B 52 3.96 12.68 5.97
CA GLU B 52 4.59 13.99 5.72
C GLU B 52 5.92 14.13 6.47
N VAL B 53 6.84 13.21 6.19
CA VAL B 53 8.17 13.12 6.78
C VAL B 53 8.25 12.81 8.28
N ASN B 54 7.48 13.54 9.09
CA ASN B 54 7.72 13.48 10.54
C ASN B 54 6.49 13.54 11.43
N LYS B 55 5.30 13.59 10.83
CA LYS B 55 4.05 13.70 11.59
C LYS B 55 3.55 12.34 12.03
N ARG B 56 2.80 12.29 13.14
CA ARG B 56 2.24 11.03 13.61
C ARG B 56 0.75 11.10 13.74
N PRO B 57 0.07 10.00 13.46
CA PRO B 57 -1.33 9.92 13.92
C PRO B 57 -1.39 9.57 15.41
N SER B 58 -2.51 9.90 16.04
CA SER B 58 -2.79 9.36 17.37
C SER B 58 -3.52 8.04 17.14
N GLY B 59 -3.02 6.98 17.77
CA GLY B 59 -1.83 7.09 18.57
C GLY B 59 -0.79 6.08 18.17
N VAL B 60 0.28 6.57 17.53
CA VAL B 60 1.52 5.84 17.49
C VAL B 60 2.48 6.59 18.40
N SER B 61 3.07 5.86 19.33
CA SER B 61 3.86 6.40 20.42
C SER B 61 4.93 7.39 20.00
N ASP B 62 5.56 7.99 21.01
CA ASP B 62 6.60 8.99 20.85
C ASP B 62 7.93 8.36 20.44
N ARG B 63 8.00 7.04 20.59
CA ARG B 63 9.19 6.29 20.24
C ARG B 63 9.44 6.36 18.73
N PHE B 64 8.39 6.60 17.95
CA PHE B 64 8.56 6.68 16.50
C PHE B 64 8.73 8.11 16.01
N SER B 65 9.65 8.30 15.07
CA SER B 65 9.93 9.60 14.48
C SER B 65 10.58 9.45 13.10
N GLY B 66 10.25 10.38 12.19
CA GLY B 66 10.79 10.36 10.85
C GLY B 66 11.58 11.61 10.52
N SER B 67 12.62 11.48 9.70
CA SER B 67 13.33 12.65 9.25
C SER B 67 13.67 12.53 7.77
N LYS B 68 14.20 13.61 7.20
CA LYS B 68 14.54 13.64 5.78
C LYS B 68 15.86 14.33 5.60
N SER B 69 16.64 13.88 4.64
CA SER B 69 17.89 14.55 4.28
C SER B 69 18.13 14.36 2.81
N GLY B 70 17.84 15.38 2.01
CA GLY B 70 18.07 15.29 0.58
C GLY B 70 17.16 14.25 -0.03
N ASN B 71 17.74 13.22 -0.63
CA ASN B 71 16.93 12.16 -1.26
C ASN B 71 16.82 10.92 -0.37
N THR B 72 16.95 11.12 0.93
CA THR B 72 16.99 10.00 1.87
C THR B 72 16.14 10.31 3.08
N ALA B 73 15.27 9.38 3.47
CA ALA B 73 14.46 9.54 4.67
C ALA B 73 14.86 8.50 5.71
N SER B 74 14.46 8.72 6.95
CA SER B 74 14.81 7.83 8.04
C SER B 74 13.69 7.71 9.05
N LEU B 75 13.54 6.51 9.62
CA LEU B 75 12.60 6.25 10.70
C LEU B 75 13.39 5.74 11.90
N THR B 76 13.13 6.29 13.08
CA THR B 76 13.89 5.84 14.23
C THR B 76 12.95 5.30 15.29
N ILE B 77 13.32 4.20 15.92
CA ILE B 77 12.48 3.61 16.95
C ILE B 77 13.26 3.46 18.25
N SER B 78 12.75 4.08 19.30
CA SER B 78 13.43 3.99 20.60
C SER B 78 12.70 3.04 21.56
N GLY B 79 13.42 2.62 22.60
CA GLY B 79 12.95 1.64 23.56
C GLY B 79 12.24 0.46 22.90
N LEU B 80 12.98 -0.33 22.13
CA LEU B 80 12.37 -1.43 21.41
C LEU B 80 11.64 -2.40 22.33
N GLN B 81 10.34 -2.55 22.07
CA GLN B 81 9.52 -3.52 22.77
C GLN B 81 9.31 -4.71 21.83
N ALA B 82 8.83 -5.83 22.35
CA ALA B 82 8.69 -7.00 21.49
C ALA B 82 7.66 -6.76 20.36
N GLU B 83 6.65 -5.92 20.61
CA GLU B 83 5.63 -5.63 19.61
C GLU B 83 6.15 -4.87 18.40
N ASP B 84 7.45 -4.61 18.36
CA ASP B 84 8.01 -3.85 17.25
C ASP B 84 8.71 -4.74 16.25
N GLU B 85 8.85 -6.02 16.59
CA GLU B 85 9.35 -6.99 15.62
C GLU B 85 8.35 -7.04 14.46
N ALA B 86 8.67 -6.37 13.37
CA ALA B 86 7.75 -6.29 12.25
C ALA B 86 8.50 -5.99 10.96
N ASP B 87 7.77 -5.91 9.86
CA ASP B 87 8.36 -5.40 8.64
C ASP B 87 8.05 -3.89 8.61
N TYR B 88 8.99 -3.10 8.10
CA TYR B 88 8.82 -1.65 8.04
C TYR B 88 9.01 -1.15 6.61
N TYR B 89 8.06 -0.35 6.14
CA TYR B 89 8.10 0.15 4.77
C TYR B 89 8.05 1.67 4.74
N CYS B 90 8.86 2.24 3.87
CA CYS B 90 8.80 3.65 3.62
C CYS B 90 8.15 3.80 2.26
N GLY B 91 7.51 4.94 2.02
CA GLY B 91 6.91 5.20 0.73
C GLY B 91 6.64 6.66 0.48
N SER B 92 6.47 7.01 -0.80
CA SER B 92 6.31 8.40 -1.20
C SER B 92 5.61 8.62 -2.52
N TYR B 93 4.78 9.67 -2.54
CA TYR B 93 4.30 10.24 -3.80
C TYR B 93 5.48 10.56 -4.70
N ARG B 94 5.29 10.43 -6.00
CA ARG B 94 6.36 10.60 -6.97
C ARG B 94 5.84 11.33 -8.19
N SER B 95 6.66 12.23 -8.73
CA SER B 95 6.31 13.06 -9.88
C SER B 95 5.81 12.22 -11.01
N GLY B 96 4.90 12.78 -11.80
CA GLY B 96 4.22 12.03 -12.84
C GLY B 96 3.06 11.22 -12.30
N SER B 97 2.59 11.61 -11.12
CA SER B 97 1.38 11.07 -10.50
C SER B 97 1.43 9.58 -10.16
N THR B 98 2.58 9.09 -9.74
CA THR B 98 2.73 7.68 -9.40
C THR B 98 2.98 7.62 -7.89
N TRP B 99 3.02 6.42 -7.30
CA TRP B 99 3.26 6.30 -5.84
C TRP B 99 4.17 5.10 -5.64
N VAL B 100 5.18 5.20 -4.78
CA VAL B 100 6.16 4.15 -4.73
C VAL B 100 6.58 3.74 -3.30
N PHE B 101 6.59 2.42 -3.06
CA PHE B 101 6.99 1.82 -1.78
C PHE B 101 8.44 1.43 -1.84
N GLY B 102 9.09 1.44 -0.67
CA GLY B 102 10.43 0.89 -0.53
C GLY B 102 10.37 -0.62 -0.49
N GLY B 103 11.53 -1.26 -0.47
CA GLY B 103 11.61 -2.71 -0.55
C GLY B 103 11.30 -3.42 0.75
N GLY B 104 11.35 -2.69 1.85
CA GLY B 104 11.03 -3.28 3.14
C GLY B 104 12.24 -3.63 3.97
N THR B 105 12.09 -3.44 5.26
CA THR B 105 13.11 -3.79 6.24
C THR B 105 12.47 -4.70 7.30
N ARG B 106 13.05 -5.90 7.46
CA ARG B 106 12.55 -6.85 8.44
C ARG B 106 13.32 -6.73 9.76
N LEU B 107 12.67 -6.14 10.74
CA LEU B 107 13.26 -5.86 12.06
C LEU B 107 13.14 -7.01 13.04
N THR B 108 14.28 -7.45 13.53
CA THR B 108 14.39 -8.51 14.54
C THR B 108 14.67 -7.89 15.93
N VAL B 109 13.99 -8.34 16.98
CA VAL B 109 14.23 -7.78 18.32
C VAL B 109 14.70 -8.82 19.34
N LEU B 110 16.01 -8.77 19.64
CA LEU B 110 16.66 -9.74 20.54
C LEU B 110 16.39 -9.48 22.02
N GLY B 111 16.38 -10.55 22.81
CA GLY B 111 16.20 -10.45 24.25
C GLY B 111 14.80 -10.76 24.73
N GLN B 112 13.91 -11.03 23.78
CA GLN B 112 12.54 -11.41 24.09
C GLN B 112 12.50 -12.60 25.03
N PRO B 113 11.74 -12.48 26.13
CA PRO B 113 11.66 -13.55 27.14
C PRO B 113 11.16 -14.85 26.55
N LYS B 114 11.73 -15.97 26.98
CA LYS B 114 11.37 -17.27 26.44
C LYS B 114 9.98 -17.69 26.96
N ALA B 115 9.28 -18.51 26.17
CA ALA B 115 7.96 -19.01 26.58
C ALA B 115 7.75 -20.44 26.09
N SER B 116 7.28 -21.31 26.98
CA SER B 116 7.14 -22.74 26.66
C SER B 116 5.83 -23.10 25.96
N PRO B 117 5.91 -24.01 24.97
CA PRO B 117 4.77 -24.31 24.10
C PRO B 117 3.62 -25.01 24.81
N THR B 118 2.41 -24.52 24.58
CA THR B 118 1.21 -25.29 24.91
C THR B 118 1.02 -26.30 23.79
N VAL B 119 0.78 -27.54 24.17
CA VAL B 119 0.58 -28.61 23.21
C VAL B 119 -0.76 -29.27 23.42
N THR B 120 -1.49 -29.46 22.33
CA THR B 120 -2.80 -30.10 22.37
C THR B 120 -2.94 -31.13 21.25
N LEU B 121 -3.17 -32.39 21.62
CA LEU B 121 -3.16 -33.48 20.64
C LEU B 121 -4.53 -34.10 20.44
N PHE B 122 -5.01 -34.12 19.20
CA PHE B 122 -6.34 -34.65 18.92
C PHE B 122 -6.31 -35.99 18.20
N PRO B 123 -7.14 -36.95 18.63
CA PRO B 123 -7.25 -38.26 18.00
C PRO B 123 -8.14 -38.21 16.76
N PRO B 124 -8.11 -39.24 15.91
CA PRO B 124 -9.02 -39.18 14.76
C PRO B 124 -10.49 -39.22 15.19
N SER B 125 -11.32 -38.51 14.44
CA SER B 125 -12.76 -38.57 14.61
C SER B 125 -13.34 -39.86 14.03
N SER B 126 -14.43 -40.35 14.62
CA SER B 126 -15.04 -41.57 14.11
C SER B 126 -15.49 -41.32 12.68
N GLU B 127 -15.89 -40.08 12.43
CA GLU B 127 -16.38 -39.68 11.12
C GLU B 127 -15.28 -39.81 10.06
N GLU B 128 -14.05 -39.47 10.41
CA GLU B 128 -12.98 -39.62 9.45
C GLU B 128 -12.69 -41.11 9.26
N LEU B 129 -12.61 -41.85 10.37
CA LEU B 129 -12.30 -43.28 10.32
C LEU B 129 -13.28 -44.02 9.39
N GLN B 130 -14.52 -43.54 9.30
CA GLN B 130 -15.52 -44.16 8.43
C GLN B 130 -15.22 -43.93 6.95
N ALA B 131 -14.24 -43.09 6.65
CA ALA B 131 -13.80 -42.87 5.28
C ALA B 131 -12.50 -43.61 5.05
N ASN B 132 -12.17 -44.48 6.00
CA ASN B 132 -10.97 -45.31 5.97
C ASN B 132 -9.67 -44.55 6.17
N LYS B 133 -9.75 -43.35 6.76
CA LYS B 133 -8.56 -42.55 7.03
C LYS B 133 -8.50 -42.05 8.48
N ALA B 134 -7.30 -41.64 8.90
CA ALA B 134 -7.09 -41.24 10.30
C ALA B 134 -5.97 -40.22 10.45
N THR B 135 -6.35 -38.99 10.78
CA THR B 135 -5.35 -37.92 10.93
C THR B 135 -5.20 -37.53 12.39
N LEU B 136 -3.97 -37.58 12.91
CA LEU B 136 -3.70 -37.16 14.29
C LEU B 136 -3.19 -35.74 14.23
N VAL B 137 -3.67 -34.89 15.14
CA VAL B 137 -3.40 -33.47 15.01
C VAL B 137 -2.71 -32.99 16.26
N CYS B 138 -1.47 -32.55 16.11
CA CYS B 138 -0.71 -32.02 17.24
C CYS B 138 -0.57 -30.50 17.09
N LEU B 139 -1.28 -29.74 17.93
CA LEU B 139 -1.27 -28.29 17.82
C LEU B 139 -0.40 -27.70 18.90
N ILE B 140 0.50 -26.81 18.49
CA ILE B 140 1.54 -26.25 19.34
C ILE B 140 1.47 -24.76 19.29
N SER B 141 1.33 -24.12 20.44
CA SER B 141 1.08 -22.68 20.46
C SER B 141 1.79 -21.95 21.58
N ASP B 142 1.80 -20.62 21.48
CA ASP B 142 2.38 -19.73 22.49
C ASP B 142 3.79 -20.08 22.92
N PHE B 143 4.70 -20.27 21.96
CA PHE B 143 6.10 -20.48 22.34
C PHE B 143 7.01 -19.45 21.69
N TYR B 144 8.13 -19.18 22.37
CA TYR B 144 9.19 -18.29 21.89
C TYR B 144 10.54 -18.77 22.43
N PRO B 145 11.61 -18.70 21.61
CA PRO B 145 11.65 -18.28 20.20
C PRO B 145 10.96 -19.30 19.31
N GLY B 146 10.75 -18.97 18.04
CA GLY B 146 9.90 -19.78 17.18
C GLY B 146 10.59 -20.96 16.51
N VAL B 147 11.38 -21.69 17.28
CA VAL B 147 11.97 -22.93 16.78
C VAL B 147 11.60 -24.11 17.67
N VAL B 148 10.99 -25.15 17.07
CA VAL B 148 10.52 -26.34 17.80
C VAL B 148 10.92 -27.62 17.04
N LYS B 149 11.05 -28.75 17.74
CA LYS B 149 11.28 -30.04 17.08
C LYS B 149 10.18 -31.05 17.46
N VAL B 150 9.46 -31.56 16.47
CA VAL B 150 8.36 -32.48 16.73
C VAL B 150 8.72 -33.94 16.42
N ALA B 151 8.44 -34.82 17.37
CA ALA B 151 8.72 -36.24 17.20
C ALA B 151 7.48 -37.03 17.55
N TRP B 152 7.14 -37.97 16.66
CA TRP B 152 5.96 -38.80 16.82
C TRP B 152 6.36 -40.18 17.29
N LYS B 153 5.60 -40.74 18.20
CA LYS B 153 5.88 -42.09 18.65
C LYS B 153 4.62 -42.93 18.55
N ALA B 154 4.79 -44.18 18.14
CA ALA B 154 3.69 -45.13 18.13
C ALA B 154 4.02 -46.26 19.08
N ASP B 155 3.30 -46.32 20.21
CA ASP B 155 3.55 -47.33 21.24
C ASP B 155 4.98 -47.25 21.79
N GLY B 156 5.65 -46.13 21.53
CA GLY B 156 7.03 -45.96 21.97
C GLY B 156 8.05 -45.85 20.85
N SER B 157 7.77 -46.49 19.71
CA SER B 157 8.67 -46.49 18.57
C SER B 157 8.59 -45.20 17.76
N ALA B 158 9.75 -44.75 17.29
CA ALA B 158 9.85 -43.58 16.42
C ALA B 158 8.91 -43.71 15.23
N VAL B 159 8.40 -42.58 14.75
CA VAL B 159 7.51 -42.56 13.60
C VAL B 159 8.11 -41.66 12.53
N ASN B 160 8.49 -42.23 11.40
CA ASN B 160 9.18 -41.47 10.36
C ASN B 160 8.22 -40.93 9.30
N ALA B 161 7.44 -41.83 8.71
CA ALA B 161 6.53 -41.48 7.61
C ALA B 161 5.17 -40.92 8.05
N GLY B 162 4.52 -40.19 7.16
CA GLY B 162 3.14 -39.75 7.34
C GLY B 162 3.04 -38.45 8.12
N VAL B 163 4.19 -37.84 8.35
CA VAL B 163 4.27 -36.65 9.17
C VAL B 163 4.44 -35.40 8.33
N GLU B 164 3.61 -34.39 8.59
CA GLU B 164 3.81 -33.08 7.97
C GLU B 164 3.70 -32.01 9.05
N THR B 165 4.77 -31.26 9.24
CA THR B 165 4.84 -30.20 10.24
C THR B 165 4.89 -28.85 9.56
N THR B 166 4.12 -27.87 10.05
CA THR B 166 4.22 -26.52 9.49
C THR B 166 5.44 -25.84 10.02
N THR B 167 5.83 -24.79 9.31
CA THR B 167 6.84 -23.85 9.79
C THR B 167 6.19 -22.84 10.74
N PRO B 168 6.80 -22.63 11.92
CA PRO B 168 6.33 -21.70 12.95
C PRO B 168 6.01 -20.32 12.40
N SER B 169 4.94 -19.70 12.92
CA SER B 169 4.49 -18.37 12.50
C SER B 169 4.05 -17.61 13.74
N LYS B 170 4.08 -16.28 13.65
CA LYS B 170 3.74 -15.40 14.76
C LYS B 170 2.24 -15.27 14.96
N GLN B 171 1.84 -15.35 16.21
CA GLN B 171 0.48 -15.06 16.61
C GLN B 171 0.35 -13.56 16.90
N SER B 172 -0.87 -13.14 17.23
CA SER B 172 -1.12 -11.72 17.45
C SER B 172 -0.51 -11.25 18.78
N ASN B 173 -0.22 -12.18 19.70
CA ASN B 173 0.43 -11.81 20.94
C ASN B 173 1.95 -11.94 20.92
N ASN B 174 2.52 -11.93 19.72
CA ASN B 174 3.98 -11.93 19.49
C ASN B 174 4.68 -13.21 19.91
N LYS B 175 3.90 -14.27 20.11
CA LYS B 175 4.47 -15.59 20.28
C LYS B 175 4.24 -16.43 19.01
N TYR B 176 4.79 -17.64 18.97
CA TYR B 176 4.73 -18.47 17.75
C TYR B 176 3.77 -19.65 17.85
N ALA B 177 3.37 -20.20 16.70
CA ALA B 177 2.46 -21.35 16.65
C ALA B 177 2.69 -22.27 15.46
N ALA B 178 2.50 -23.56 15.67
CA ALA B 178 2.75 -24.51 14.60
C ALA B 178 1.90 -25.75 14.79
N SER B 179 1.79 -26.56 13.73
CA SER B 179 0.97 -27.75 13.79
C SER B 179 1.71 -28.93 13.20
N SER B 180 1.45 -30.11 13.73
CA SER B 180 1.95 -31.33 13.10
C SER B 180 0.81 -32.31 12.92
N TYR B 181 0.82 -32.97 11.77
CA TYR B 181 -0.25 -33.83 11.34
C TYR B 181 0.36 -35.16 11.01
N LEU B 182 -0.08 -36.22 11.67
CA LEU B 182 0.32 -37.57 11.28
C LEU B 182 -0.84 -38.18 10.51
N SER B 183 -0.63 -38.40 9.22
CA SER B 183 -1.67 -38.97 8.37
C SER B 183 -1.58 -40.48 8.36
N LEU B 184 -2.67 -41.15 8.77
CA LEU B 184 -2.67 -42.61 8.82
C LEU B 184 -3.86 -43.20 8.07
N THR B 185 -3.84 -44.52 7.92
CA THR B 185 -5.05 -45.23 7.52
C THR B 185 -5.75 -45.75 8.77
N SER B 186 -7.07 -45.90 8.68
CA SER B 186 -7.88 -46.57 9.70
C SER B 186 -7.17 -47.76 10.32
N ASP B 187 -6.57 -48.59 9.46
CA ASP B 187 -5.96 -49.84 9.90
C ASP B 187 -4.70 -49.63 10.71
N GLN B 188 -3.95 -48.57 10.41
CA GLN B 188 -2.71 -48.33 11.14
C GLN B 188 -3.03 -47.81 12.52
N TRP B 189 -4.02 -46.93 12.58
CA TRP B 189 -4.50 -46.35 13.83
C TRP B 189 -4.92 -47.37 14.87
N LYS B 190 -5.50 -48.48 14.41
CA LYS B 190 -5.94 -49.54 15.30
C LYS B 190 -4.83 -50.57 15.52
N SER B 191 -3.92 -50.65 14.55
CA SER B 191 -2.74 -51.52 14.60
C SER B 191 -1.80 -51.21 15.77
N HIS B 192 -2.01 -50.07 16.43
CA HIS B 192 -1.27 -49.68 17.63
C HIS B 192 -2.27 -49.26 18.70
N LYS B 193 -1.80 -49.08 19.94
CA LYS B 193 -2.75 -48.75 21.01
C LYS B 193 -2.40 -47.51 21.84
N SER B 194 -1.43 -46.73 21.36
CA SER B 194 -1.14 -45.40 21.94
C SER B 194 -0.11 -44.61 21.11
N TYR B 195 -0.61 -43.64 20.35
CA TYR B 195 0.28 -42.70 19.66
C TYR B 195 0.56 -41.49 20.54
N SER B 196 1.77 -40.95 20.45
CA SER B 196 2.11 -39.76 21.21
C SER B 196 2.86 -38.72 20.38
N CYS B 197 2.74 -37.47 20.81
CA CYS B 197 3.37 -36.35 20.12
C CYS B 197 4.40 -35.76 21.05
N GLN B 198 5.63 -35.64 20.58
CA GLN B 198 6.67 -35.09 21.43
C GLN B 198 7.18 -33.81 20.81
N VAL B 199 6.89 -32.71 21.50
CA VAL B 199 7.33 -31.38 21.10
C VAL B 199 8.52 -31.03 21.98
N THR B 200 9.61 -30.59 21.35
CA THR B 200 10.82 -30.21 22.09
C THR B 200 11.26 -28.79 21.72
N HIS B 201 11.34 -27.95 22.75
CA HIS B 201 11.57 -26.52 22.58
C HIS B 201 12.58 -26.06 23.62
N GLU B 202 13.74 -25.60 23.16
CA GLU B 202 14.84 -25.18 24.05
C GLU B 202 15.10 -26.19 25.18
N GLY B 203 15.69 -27.33 24.85
CA GLY B 203 16.05 -28.34 25.84
C GLY B 203 14.92 -29.23 26.35
N SER B 204 13.90 -28.61 26.95
CA SER B 204 12.83 -29.35 27.60
C SER B 204 11.77 -29.87 26.62
N THR B 205 11.01 -30.88 27.05
CA THR B 205 10.14 -31.63 26.15
C THR B 205 8.79 -32.01 26.74
N VAL B 206 7.72 -31.63 26.03
CA VAL B 206 6.33 -31.99 26.36
C VAL B 206 5.77 -33.13 25.49
N GLU B 207 5.05 -34.05 26.11
CA GLU B 207 4.44 -35.16 25.38
C GLU B 207 2.94 -35.25 25.67
N LYS B 208 2.13 -35.38 24.63
CA LYS B 208 0.71 -35.73 24.82
C LYS B 208 0.43 -37.08 24.15
N THR B 209 -0.61 -37.80 24.59
CA THR B 209 -0.86 -39.17 24.15
C THR B 209 -2.36 -39.47 23.92
N VAL B 210 -2.70 -40.03 22.77
CA VAL B 210 -4.07 -40.45 22.48
C VAL B 210 -4.15 -41.96 22.26
N ALA B 211 -5.37 -42.51 22.31
CA ALA B 211 -5.55 -43.95 22.26
C ALA B 211 -6.86 -44.39 21.61
N PRO B 212 -6.79 -45.41 20.75
CA PRO B 212 -7.95 -46.09 20.15
C PRO B 212 -8.85 -46.76 21.19
N THR C 12 35.53 31.48 -18.37
CA THR C 12 34.48 30.58 -18.81
C THR C 12 34.19 29.52 -17.76
N GLU C 13 33.01 29.60 -17.16
CA GLU C 13 32.45 28.50 -16.40
C GLU C 13 30.91 28.60 -16.40
N ASN C 14 30.28 27.44 -16.32
CA ASN C 14 28.92 27.27 -16.83
C ASN C 14 27.77 27.45 -15.84
N PHE C 15 26.66 28.01 -16.35
CA PHE C 15 25.39 28.00 -15.64
C PHE C 15 24.73 26.63 -15.85
N ASN C 16 23.68 26.35 -15.08
CA ASN C 16 22.85 25.16 -15.29
C ASN C 16 21.59 25.19 -14.45
N MET C 17 20.51 25.70 -15.03
CA MET C 17 19.25 25.82 -14.30
C MET C 17 18.63 24.47 -13.92
N TRP C 18 19.08 23.40 -14.57
CA TRP C 18 18.49 22.10 -14.35
C TRP C 18 19.18 21.36 -13.22
N LYS C 19 20.37 21.84 -12.85
CA LYS C 19 21.08 21.34 -11.67
C LYS C 19 21.43 22.51 -10.76
N ASN C 20 20.46 23.38 -10.53
CA ASN C 20 20.67 24.57 -9.71
C ASN C 20 20.37 24.29 -8.24
N ASN C 21 21.42 24.14 -7.43
CA ASN C 21 21.25 23.83 -6.02
C ASN C 21 20.48 24.94 -5.27
N MET C 22 20.46 26.12 -5.86
CA MET C 22 19.67 27.22 -5.29
C MET C 22 18.20 26.84 -5.27
N VAL C 23 17.76 26.18 -6.34
CA VAL C 23 16.35 25.83 -6.48
C VAL C 23 15.91 24.95 -5.34
N GLU C 24 16.74 23.99 -5.01
CA GLU C 24 16.41 22.99 -4.01
C GLU C 24 16.50 23.54 -2.60
N GLN C 25 17.30 24.58 -2.41
CA GLN C 25 17.38 25.25 -1.12
C GLN C 25 16.14 26.10 -0.85
N MET C 26 15.70 26.84 -1.86
CA MET C 26 14.49 27.62 -1.73
C MET C 26 13.24 26.71 -1.71
N HIS C 27 13.34 25.54 -2.32
CA HIS C 27 12.23 24.60 -2.31
C HIS C 27 11.99 24.17 -0.87
N GLU C 28 13.07 23.72 -0.24
CA GLU C 28 13.04 23.26 1.14
C GLU C 28 12.37 24.23 2.10
N ASP C 29 12.69 25.50 1.98
CA ASP C 29 12.27 26.50 2.95
C ASP C 29 10.84 26.99 2.69
N ILE C 30 10.41 26.97 1.44
CA ILE C 30 9.00 27.21 1.15
C ILE C 30 8.14 26.08 1.73
N ILE C 31 8.57 24.83 1.54
CA ILE C 31 7.93 23.70 2.20
C ILE C 31 7.87 23.93 3.72
N SER C 32 8.98 24.36 4.29
CA SER C 32 9.08 24.61 5.74
C SER C 32 8.05 25.66 6.20
N LEU C 33 8.06 26.81 5.54
CA LEU C 33 7.07 27.85 5.77
C LEU C 33 5.64 27.30 5.69
N TRP C 34 5.40 26.37 4.75
CA TRP C 34 4.06 25.85 4.54
C TRP C 34 3.59 24.97 5.70
N ASP C 35 4.44 24.74 6.68
CA ASP C 35 3.94 24.32 7.99
C ASP C 35 3.56 25.60 8.78
N GLN C 36 2.70 26.40 8.13
CA GLN C 36 1.89 27.41 8.80
C GLN C 36 0.94 26.62 9.67
N SER C 37 0.34 25.61 9.05
CA SER C 37 -0.69 24.78 9.69
C SER C 37 -0.15 23.93 10.84
N ALA C 82 28.93 34.17 -3.09
CA ALA C 82 28.26 35.19 -3.89
C ALA C 82 27.42 34.60 -5.04
N ILE C 83 26.81 35.50 -5.82
CA ILE C 83 25.84 35.11 -6.85
C ILE C 83 26.12 35.76 -8.21
N LEU C 84 26.16 34.96 -9.26
CA LEU C 84 26.32 35.47 -10.62
C LEU C 84 24.99 35.57 -11.37
N LYS C 85 24.52 36.80 -11.58
CA LYS C 85 23.35 37.03 -12.42
C LYS C 85 23.75 37.19 -13.89
N CYS C 86 22.94 36.65 -14.80
CA CYS C 86 23.23 36.64 -16.22
C CYS C 86 22.17 37.35 -17.08
N ASN C 87 22.61 38.03 -18.13
CA ASN C 87 21.72 38.82 -18.99
C ASN C 87 21.89 38.56 -20.49
N ASP C 88 20.75 38.44 -21.20
CA ASP C 88 20.74 38.10 -22.62
C ASP C 88 19.51 38.68 -23.30
N PHE C 91 18.46 33.80 -22.63
CA PHE C 91 19.56 33.08 -21.99
C PHE C 91 19.41 31.57 -22.12
N ASN C 92 18.61 30.99 -21.23
CA ASN C 92 18.08 29.61 -21.21
C ASN C 92 18.80 28.57 -20.33
N GLY C 93 19.76 29.00 -19.50
CA GLY C 93 20.45 28.05 -18.63
C GLY C 93 21.52 27.24 -19.37
N THR C 94 22.27 27.93 -20.23
CA THR C 94 23.31 27.31 -21.03
C THR C 94 24.54 27.01 -20.22
N GLY C 95 25.62 26.66 -20.92
CA GLY C 95 26.93 26.59 -20.31
C GLY C 95 27.45 28.00 -20.12
N PRO C 96 28.19 28.51 -21.12
CA PRO C 96 28.75 29.87 -21.04
C PRO C 96 27.68 30.95 -21.02
N CYS C 97 27.88 31.96 -20.16
CA CYS C 97 27.03 33.14 -20.13
C CYS C 97 27.87 34.38 -20.42
N THR C 98 27.61 35.02 -21.55
CA THR C 98 28.46 36.12 -22.01
C THR C 98 28.43 37.33 -21.07
N ASN C 99 27.23 37.83 -20.79
CA ASN C 99 27.09 39.03 -19.97
C ASN C 99 26.76 38.69 -18.52
N VAL C 100 27.61 39.15 -17.60
CA VAL C 100 27.52 38.77 -16.20
C VAL C 100 27.44 39.97 -15.27
N SER C 101 26.35 40.06 -14.53
CA SER C 101 26.27 40.97 -13.39
C SER C 101 26.79 40.21 -12.17
N THR C 102 26.78 40.84 -11.00
CA THR C 102 27.13 40.15 -9.76
C THR C 102 26.54 40.92 -8.59
N ILE C 109 10.48 37.26 -5.81
CA ILE C 109 10.20 35.83 -5.65
C ILE C 109 8.85 35.57 -4.99
N ARG C 110 7.85 35.20 -5.78
CA ARG C 110 6.56 34.86 -5.22
C ARG C 110 6.43 33.34 -5.07
N PRO C 111 6.31 32.87 -3.81
CA PRO C 111 6.20 31.44 -3.54
C PRO C 111 4.77 30.94 -3.78
N VAL C 112 4.21 31.39 -4.90
CA VAL C 112 2.90 30.98 -5.34
C VAL C 112 2.93 29.49 -5.68
N VAL C 113 2.15 28.73 -4.93
CA VAL C 113 1.98 27.32 -5.23
C VAL C 113 0.88 27.19 -6.26
N SER C 114 1.23 26.68 -7.43
CA SER C 114 0.25 26.51 -8.48
C SER C 114 0.70 25.46 -9.47
N THR C 115 -0.23 25.04 -10.30
CA THR C 115 0.01 23.98 -11.27
C THR C 115 -0.56 24.45 -12.59
N GLN C 116 -0.14 23.79 -13.66
CA GLN C 116 -0.51 24.19 -15.02
C GLN C 116 0.05 25.57 -15.43
N LEU C 117 -0.28 26.62 -14.67
CA LEU C 117 0.13 27.98 -15.03
C LEU C 117 1.07 28.66 -14.01
N LEU C 118 1.92 29.54 -14.51
CA LEU C 118 2.74 30.40 -13.66
C LEU C 118 2.13 31.78 -13.52
N LEU C 119 2.00 32.24 -12.28
CA LEU C 119 1.41 33.54 -12.01
C LEU C 119 2.40 34.55 -11.43
N ASN C 120 2.36 35.76 -11.99
CA ASN C 120 3.06 36.91 -11.42
C ASN C 120 4.58 36.74 -11.36
N GLY C 121 5.21 36.29 -12.44
CA GLY C 121 6.65 36.10 -12.47
C GLY C 121 7.38 36.86 -13.56
N SER C 122 8.68 36.62 -13.70
CA SER C 122 9.51 37.25 -14.73
C SER C 122 8.93 37.03 -16.12
N LEU C 123 8.94 38.06 -16.95
CA LEU C 123 8.24 37.97 -18.23
C LEU C 123 9.18 38.35 -19.37
N VAL C 129 9.58 32.14 -25.60
CA VAL C 129 10.64 31.38 -24.92
C VAL C 129 10.14 30.07 -24.29
N ILE C 130 10.85 28.97 -24.57
CA ILE C 130 10.54 27.69 -23.95
C ILE C 130 11.83 27.00 -23.50
N ARG C 131 11.80 26.34 -22.34
CA ARG C 131 12.99 25.68 -21.81
C ARG C 131 12.71 24.26 -21.29
N SER C 132 13.65 23.36 -21.59
CA SER C 132 13.56 21.97 -21.15
C SER C 132 14.93 21.35 -21.00
N GLU C 133 15.16 20.66 -19.88
CA GLU C 133 16.41 19.95 -19.66
C GLU C 133 16.66 18.94 -20.78
N ASN C 134 15.58 18.43 -21.37
CA ASN C 134 15.66 17.56 -22.55
C ASN C 134 14.32 17.46 -23.28
N PHE C 135 14.18 18.14 -24.41
CA PHE C 135 12.94 18.12 -25.19
C PHE C 135 12.64 16.75 -25.80
N THR C 136 13.67 16.03 -26.26
CA THR C 136 13.52 14.69 -26.82
C THR C 136 12.88 13.74 -25.80
N ASN C 137 13.03 14.12 -24.54
CA ASN C 137 12.57 13.36 -23.39
C ASN C 137 11.16 13.77 -22.96
N ASN C 138 10.16 13.03 -23.41
CA ASN C 138 8.76 13.35 -23.08
C ASN C 138 8.48 13.41 -21.58
N ALA C 139 9.29 12.73 -20.78
CA ALA C 139 9.15 12.73 -19.33
C ALA C 139 9.59 14.04 -18.70
N LYS C 140 10.44 14.80 -19.41
CA LYS C 140 10.92 16.09 -18.92
C LYS C 140 9.89 17.20 -19.11
N THR C 141 9.82 18.10 -18.13
CA THR C 141 8.83 19.18 -18.13
C THR C 141 9.29 20.37 -18.97
N ILE C 142 8.34 20.98 -19.67
CA ILE C 142 8.59 22.19 -20.46
C ILE C 142 8.12 23.43 -19.72
N ILE C 143 9.06 24.31 -19.39
CA ILE C 143 8.70 25.59 -18.78
C ILE C 143 8.47 26.57 -19.90
N VAL C 144 7.32 27.24 -19.90
CA VAL C 144 7.02 28.19 -20.96
C VAL C 144 6.93 29.61 -20.42
N GLN C 145 7.57 30.56 -21.10
CA GLN C 145 7.56 31.98 -20.69
C GLN C 145 7.02 32.88 -21.80
N LEU C 146 6.05 33.72 -21.45
CA LEU C 146 5.30 34.51 -22.41
C LEU C 146 5.84 35.94 -22.58
N ASN C 147 5.79 36.46 -23.81
CA ASN C 147 6.27 37.82 -24.11
C ASN C 147 5.20 38.87 -23.81
N GLU C 148 4.01 38.39 -23.48
CA GLU C 148 2.86 39.22 -23.18
C GLU C 148 1.99 38.42 -22.23
N SER C 149 1.47 39.06 -21.19
CA SER C 149 0.71 38.32 -20.20
C SER C 149 -0.78 38.28 -20.54
N VAL C 150 -1.53 37.45 -19.81
CA VAL C 150 -2.96 37.36 -19.98
C VAL C 150 -3.65 37.45 -18.62
N VAL C 151 -4.47 38.49 -18.45
CA VAL C 151 -5.11 38.75 -17.16
C VAL C 151 -6.23 37.74 -16.95
N ILE C 152 -6.26 37.16 -15.75
CA ILE C 152 -7.26 36.17 -15.36
C ILE C 152 -7.93 36.56 -14.04
N ASN C 153 -9.24 36.79 -14.08
CA ASN C 153 -9.98 37.17 -12.88
C ASN C 153 -10.57 35.96 -12.18
N CYS C 154 -10.41 35.89 -10.87
CA CYS C 154 -10.94 34.76 -10.09
C CYS C 154 -11.75 35.26 -8.91
N THR C 155 -12.96 34.72 -8.77
CA THR C 155 -13.89 35.18 -7.74
C THR C 155 -14.27 34.08 -6.74
N GLY C 156 -14.50 34.48 -5.49
CA GLY C 156 -14.88 33.55 -4.44
C GLY C 156 -16.21 32.89 -4.68
N ALA C 157 -17.04 33.50 -5.52
CA ALA C 157 -18.30 32.91 -5.95
C ALA C 157 -18.08 31.65 -6.79
N GLY C 158 -16.83 31.44 -7.22
CA GLY C 158 -16.45 30.16 -7.79
C GLY C 158 -16.19 30.02 -9.28
N HIS C 159 -15.72 31.08 -9.95
CA HIS C 159 -15.31 30.93 -11.33
C HIS C 159 -14.22 31.92 -11.78
N CYS C 160 -13.74 31.73 -13.00
CA CYS C 160 -12.70 32.59 -13.54
C CYS C 160 -13.04 33.06 -14.96
N ASN C 161 -13.27 34.37 -15.12
CA ASN C 161 -13.40 34.91 -16.47
C ASN C 161 -12.04 35.17 -17.08
N LEU C 162 -12.00 35.04 -18.40
CA LEU C 162 -10.77 35.08 -19.14
C LEU C 162 -11.09 35.45 -20.57
N SER C 163 -10.27 36.33 -21.15
CA SER C 163 -10.55 36.81 -22.50
C SER C 163 -10.31 35.69 -23.49
N LYS C 164 -11.36 35.31 -24.22
CA LYS C 164 -11.26 34.23 -25.18
C LYS C 164 -10.24 34.53 -26.27
N THR C 165 -10.35 35.72 -26.88
CA THR C 165 -9.42 36.10 -27.93
C THR C 165 -7.98 36.13 -27.40
N GLN C 166 -7.77 36.86 -26.32
CA GLN C 166 -6.44 37.01 -25.73
C GLN C 166 -5.81 35.64 -25.42
N TRP C 167 -6.64 34.68 -25.06
CA TRP C 167 -6.15 33.35 -24.72
C TRP C 167 -5.86 32.48 -25.94
N GLU C 168 -6.66 32.64 -26.98
CA GLU C 168 -6.55 31.82 -28.17
C GLU C 168 -5.31 32.17 -28.97
N ASN C 169 -5.00 33.46 -29.01
CA ASN C 169 -3.82 33.95 -29.71
C ASN C 169 -2.57 33.43 -29.04
N THR C 170 -2.63 33.27 -27.72
CA THR C 170 -1.49 32.79 -26.95
C THR C 170 -1.13 31.35 -27.30
N LEU C 171 -2.14 30.48 -27.32
CA LEU C 171 -1.91 29.07 -27.60
C LEU C 171 -1.23 28.88 -28.96
N GLU C 172 -1.63 29.66 -29.95
CA GLU C 172 -1.15 29.44 -31.31
C GLU C 172 0.26 30.00 -31.46
N GLN C 173 0.59 31.02 -30.66
CA GLN C 173 1.95 31.55 -30.60
C GLN C 173 2.88 30.54 -29.96
N ILE C 174 2.42 29.89 -28.90
CA ILE C 174 3.17 28.80 -28.29
C ILE C 174 3.26 27.64 -29.28
N ALA C 175 2.22 27.48 -30.09
CA ALA C 175 2.15 26.39 -31.06
C ALA C 175 3.17 26.51 -32.19
N ILE C 176 3.50 27.72 -32.63
CA ILE C 176 4.53 27.86 -33.66
C ILE C 176 5.90 27.60 -33.02
N LYS C 177 6.06 28.05 -31.78
CA LYS C 177 7.30 27.83 -31.05
C LYS C 177 7.51 26.34 -30.73
N LEU C 178 6.44 25.55 -30.85
CA LEU C 178 6.54 24.12 -30.60
C LEU C 178 6.91 23.35 -31.87
N LYS C 179 6.50 23.87 -33.02
CA LYS C 179 6.78 23.23 -34.31
C LYS C 179 8.29 23.00 -34.54
N GLU C 180 9.12 23.74 -33.81
CA GLU C 180 10.55 23.47 -33.73
C GLU C 180 10.87 22.44 -32.62
N ASN C 185 6.90 22.09 -37.87
CA ASN C 185 6.79 21.36 -39.14
C ASN C 185 5.82 20.17 -39.02
N LYS C 186 4.89 20.30 -38.08
CA LYS C 186 3.87 19.28 -37.84
C LYS C 186 2.70 19.83 -37.01
N THR C 187 1.68 19.00 -36.82
CA THR C 187 0.45 19.40 -36.14
C THR C 187 0.63 19.49 -34.62
N ILE C 188 0.16 20.58 -34.03
CA ILE C 188 0.23 20.78 -32.59
C ILE C 188 -1.17 20.73 -31.99
N ILE C 189 -1.33 19.98 -30.91
CA ILE C 189 -2.63 19.87 -30.27
C ILE C 189 -2.47 19.97 -28.76
N PHE C 190 -3.36 20.74 -28.12
CA PHE C 190 -3.43 20.81 -26.65
C PHE C 190 -4.67 20.06 -26.13
N ASN C 191 -4.43 19.14 -25.19
CA ASN C 191 -5.51 18.37 -24.58
C ASN C 191 -5.44 18.40 -23.04
N PRO C 192 -6.59 18.21 -22.36
CA PRO C 192 -6.67 18.16 -20.90
C PRO C 192 -5.80 17.10 -20.24
N SER C 193 -5.47 17.32 -18.95
CA SER C 193 -4.56 16.46 -18.20
C SER C 193 -5.03 15.00 -18.15
N SER C 194 -4.10 14.08 -18.37
CA SER C 194 -4.39 12.66 -18.59
C SER C 194 -5.27 12.03 -17.51
N GLY C 195 -5.18 12.52 -16.28
CA GLY C 195 -6.04 12.06 -15.22
C GLY C 195 -5.29 11.79 -13.93
N GLY C 196 -6.01 11.73 -12.82
CA GLY C 196 -5.44 11.20 -11.59
C GLY C 196 -5.42 12.11 -10.38
N ASP C 197 -4.63 13.19 -10.44
CA ASP C 197 -4.47 14.09 -9.30
C ASP C 197 -5.24 15.38 -9.49
N PRO C 198 -6.07 15.73 -8.50
CA PRO C 198 -6.96 16.89 -8.62
C PRO C 198 -6.25 18.23 -8.67
N GLU C 199 -5.09 18.34 -8.01
CA GLU C 199 -4.38 19.62 -7.97
C GLU C 199 -3.54 19.81 -9.24
N ILE C 200 -3.68 18.89 -10.19
CA ILE C 200 -2.86 18.85 -11.40
C ILE C 200 -3.75 18.76 -12.63
N VAL C 201 -4.86 18.06 -12.49
CA VAL C 201 -5.83 17.95 -13.58
C VAL C 201 -6.48 19.31 -13.77
N THR C 202 -6.53 20.08 -12.69
CA THR C 202 -7.08 21.42 -12.73
C THR C 202 -5.97 22.44 -12.64
N HIS C 203 -6.23 23.63 -13.13
CA HIS C 203 -5.37 24.74 -12.79
C HIS C 203 -5.68 25.15 -11.34
N SER C 204 -4.84 24.70 -10.42
CA SER C 204 -5.03 25.06 -9.01
C SER C 204 -3.97 26.06 -8.52
N PHE C 205 -4.35 26.84 -7.51
CA PHE C 205 -3.46 27.85 -6.93
C PHE C 205 -4.07 28.38 -5.65
N ASN C 206 -3.22 28.79 -4.71
CA ASN C 206 -3.70 29.48 -3.53
C ASN C 206 -3.81 30.97 -3.80
N CYS C 207 -4.62 31.66 -2.99
CA CYS C 207 -4.91 33.05 -3.19
C CYS C 207 -5.47 33.64 -1.90
N GLY C 208 -4.56 33.96 -0.98
CA GLY C 208 -4.92 34.61 0.27
C GLY C 208 -5.89 33.80 1.09
N GLY C 209 -5.42 32.65 1.58
CA GLY C 209 -6.23 31.82 2.46
C GLY C 209 -7.02 30.75 1.73
N GLU C 210 -7.58 31.11 0.58
CA GLU C 210 -8.40 30.18 -0.20
C GLU C 210 -7.57 29.42 -1.25
N PHE C 211 -8.07 28.26 -1.65
CA PHE C 211 -7.34 27.47 -2.63
C PHE C 211 -8.29 27.00 -3.75
N PHE C 212 -7.99 27.44 -4.97
CA PHE C 212 -8.87 27.23 -6.12
C PHE C 212 -8.52 25.99 -6.91
N TYR C 213 -9.54 25.23 -7.31
CA TYR C 213 -9.35 24.10 -8.22
C TYR C 213 -10.23 24.27 -9.46
N CYS C 214 -9.70 24.86 -10.53
CA CYS C 214 -10.55 25.30 -11.63
C CYS C 214 -10.46 24.40 -12.88
N ASN C 215 -11.58 23.90 -13.39
CA ASN C 215 -11.47 23.06 -14.58
C ASN C 215 -10.98 23.89 -15.77
N SER C 216 -9.79 23.52 -16.24
CA SER C 216 -9.17 24.20 -17.37
C SER C 216 -9.37 23.49 -18.70
N THR C 217 -10.45 22.71 -18.81
CA THR C 217 -10.79 22.01 -20.05
C THR C 217 -10.87 22.98 -21.21
N GLN C 218 -11.73 23.99 -21.07
CA GLN C 218 -11.93 24.98 -22.13
C GLN C 218 -10.62 25.67 -22.46
N LEU C 219 -9.75 25.81 -21.48
CA LEU C 219 -8.47 26.47 -21.70
C LEU C 219 -7.52 25.67 -22.58
N PHE C 220 -7.46 24.36 -22.36
CA PHE C 220 -6.48 23.54 -23.06
C PHE C 220 -7.08 22.54 -24.04
N THR C 221 -8.13 22.93 -24.75
CA THR C 221 -8.54 22.19 -25.95
C THR C 221 -8.63 23.15 -27.13
N ARG C 233 -16.20 39.38 -24.66
CA ARG C 233 -16.03 38.02 -25.18
C ARG C 233 -15.25 37.12 -24.21
N ASN C 234 -15.91 36.60 -23.18
CA ASN C 234 -15.20 35.87 -22.11
C ASN C 234 -15.34 34.35 -22.12
N ILE C 235 -14.25 33.66 -21.73
CA ILE C 235 -14.28 32.24 -21.37
C ILE C 235 -14.47 32.08 -19.87
N THR C 236 -15.43 31.25 -19.46
CA THR C 236 -15.68 31.07 -18.03
C THR C 236 -15.25 29.67 -17.54
N LEU C 237 -14.53 29.65 -16.43
CA LEU C 237 -13.97 28.42 -15.87
C LEU C 237 -14.62 28.10 -14.52
N PRO C 238 -15.23 26.92 -14.37
CA PRO C 238 -15.82 26.58 -13.06
C PRO C 238 -14.73 26.31 -12.03
N CYS C 239 -14.93 26.74 -10.79
CA CYS C 239 -13.90 26.57 -9.77
C CYS C 239 -14.41 25.95 -8.47
N ARG C 240 -13.62 25.05 -7.91
CA ARG C 240 -13.86 24.56 -6.56
C ARG C 240 -12.94 25.31 -5.61
N ILE C 241 -13.42 25.59 -4.40
CA ILE C 241 -12.66 26.45 -3.49
C ILE C 241 -12.62 25.90 -2.08
N LYS C 242 -11.42 25.69 -1.55
CA LYS C 242 -11.22 25.26 -0.17
C LYS C 242 -10.37 26.23 0.61
N GLN C 243 -10.82 26.62 1.79
CA GLN C 243 -10.00 27.42 2.69
C GLN C 243 -8.99 26.47 3.32
N ILE C 244 -7.91 27.00 3.91
CA ILE C 244 -6.93 26.11 4.52
C ILE C 244 -7.40 25.60 5.89
N ILE C 245 -8.09 24.46 5.86
CA ILE C 245 -8.52 23.68 7.02
C ILE C 245 -8.08 22.23 6.84
N ASN C 246 -6.83 21.92 7.16
CA ASN C 246 -6.29 20.58 6.90
C ASN C 246 -5.80 19.86 8.17
N MET C 247 -4.89 20.48 8.91
CA MET C 247 -4.38 19.90 10.16
C MET C 247 -5.23 20.26 11.35
N ARG C 265 -11.94 36.75 -3.93
CA ARG C 265 -11.78 37.46 -5.20
C ARG C 265 -10.36 37.99 -5.41
N CYS C 266 -9.69 37.52 -6.47
CA CYS C 266 -8.39 38.08 -6.86
C CYS C 266 -8.11 37.96 -8.37
N SER C 267 -7.43 38.98 -8.89
CA SER C 267 -7.04 39.05 -10.30
C SER C 267 -5.57 38.64 -10.43
N SER C 268 -5.13 38.23 -11.60
CA SER C 268 -3.74 37.82 -11.75
C SER C 268 -3.17 37.90 -13.17
N ASN C 269 -1.86 38.10 -13.22
CA ASN C 269 -1.13 38.06 -14.49
C ASN C 269 -0.66 36.64 -14.74
N ILE C 270 -0.91 36.10 -15.93
CA ILE C 270 -0.36 34.80 -16.29
C ILE C 270 1.02 34.97 -16.95
N THR C 271 2.04 34.65 -16.17
CA THR C 271 3.44 34.76 -16.60
C THR C 271 3.84 33.68 -17.59
N GLY C 272 3.50 32.44 -17.28
CA GLY C 272 3.92 31.31 -18.08
C GLY C 272 3.17 30.02 -17.82
N LEU C 273 3.76 28.91 -18.24
CA LEU C 273 3.06 27.63 -18.29
C LEU C 273 3.98 26.47 -17.92
N LEU C 274 3.38 25.34 -17.59
CA LEU C 274 4.11 24.08 -17.41
C LEU C 274 3.45 23.05 -18.32
N LEU C 275 4.25 22.37 -19.14
CA LEU C 275 3.70 21.46 -20.17
C LEU C 275 4.36 20.09 -20.25
N THR C 276 3.55 19.10 -20.60
CA THR C 276 3.97 17.70 -20.76
C THR C 276 3.72 17.19 -22.18
N ARG C 277 4.70 16.48 -22.72
CA ARG C 277 4.60 15.89 -24.05
C ARG C 277 4.22 14.40 -24.01
N ASP C 278 3.19 14.02 -24.76
CA ASP C 278 2.92 12.63 -25.09
C ASP C 278 3.96 12.11 -26.08
N GLY C 279 4.94 11.34 -25.62
CA GLY C 279 6.03 10.96 -26.51
C GLY C 279 6.06 9.51 -26.98
N GLY C 280 4.99 9.06 -27.62
CA GLY C 280 4.92 7.69 -28.12
C GLY C 280 4.91 7.62 -29.64
N ASN C 284 2.94 8.09 -36.40
CA ASN C 284 2.51 9.29 -35.68
C ASN C 284 3.10 10.56 -36.28
N GLY C 285 2.24 11.51 -36.65
CA GLY C 285 2.68 12.79 -37.17
C GLY C 285 2.08 13.93 -36.37
N THR C 286 2.01 13.76 -35.06
CA THR C 286 1.30 14.71 -34.20
C THR C 286 1.99 14.79 -32.83
N GLU C 287 2.21 16.00 -32.34
CA GLU C 287 2.78 16.20 -31.00
C GLU C 287 1.73 16.73 -30.01
N ILE C 288 1.34 15.89 -29.07
CA ILE C 288 0.27 16.25 -28.16
C ILE C 288 0.80 16.83 -26.85
N PHE C 289 0.27 17.98 -26.46
CA PHE C 289 0.71 18.66 -25.26
C PHE C 289 -0.42 18.77 -24.25
N ARG C 290 -0.12 18.48 -23.00
CA ARG C 290 -1.10 18.51 -21.93
C ARG C 290 -0.55 19.36 -20.80
N PRO C 291 -1.43 19.89 -19.93
CA PRO C 291 -0.97 20.72 -18.81
C PRO C 291 -0.20 19.92 -17.77
N GLY C 292 0.95 20.46 -17.35
CA GLY C 292 1.83 19.79 -16.39
C GLY C 292 1.86 20.45 -15.02
N GLY C 293 2.89 20.12 -14.25
CA GLY C 293 3.02 20.62 -12.89
C GLY C 293 3.17 19.49 -11.87
N GLY C 294 3.34 19.86 -10.61
CA GLY C 294 3.49 18.87 -9.55
C GLY C 294 4.77 19.05 -8.78
N ASP C 295 5.90 19.01 -9.49
CA ASP C 295 7.18 19.34 -8.88
C ASP C 295 7.31 20.85 -8.84
N MET C 296 7.14 21.41 -7.64
CA MET C 296 7.16 22.86 -7.42
C MET C 296 8.51 23.50 -7.77
N ARG C 297 9.57 22.70 -7.71
CA ARG C 297 10.90 23.17 -8.08
C ARG C 297 10.94 23.77 -9.49
N ASP C 298 10.03 23.31 -10.35
CA ASP C 298 9.95 23.84 -11.70
C ASP C 298 9.42 25.29 -11.71
N ASN C 299 8.42 25.53 -10.88
CA ASN C 299 7.91 26.89 -10.66
C ASN C 299 9.05 27.85 -10.32
N TRP C 300 10.03 27.34 -9.59
CA TRP C 300 11.02 28.21 -8.98
C TRP C 300 12.35 28.23 -9.74
N ARG C 301 12.54 27.30 -10.66
CA ARG C 301 13.69 27.42 -11.57
C ARG C 301 13.22 28.17 -12.82
N SER C 302 11.90 28.27 -12.96
CA SER C 302 11.30 29.13 -13.97
C SER C 302 11.72 30.59 -13.77
N GLU C 303 12.01 30.93 -12.51
CA GLU C 303 12.41 32.27 -12.11
C GLU C 303 13.91 32.41 -11.90
N LEU C 304 14.52 31.38 -11.33
CA LEU C 304 15.95 31.40 -11.02
C LEU C 304 16.81 30.85 -12.13
N TYR C 305 16.30 30.85 -13.35
CA TYR C 305 17.09 30.35 -14.46
C TYR C 305 18.37 31.19 -14.64
N LYS C 306 18.25 32.52 -14.51
CA LYS C 306 19.37 33.41 -14.75
C LYS C 306 20.19 33.76 -13.49
N TYR C 307 20.48 32.76 -12.65
CA TYR C 307 21.36 32.95 -11.48
C TYR C 307 22.30 31.75 -11.24
N LYS C 308 23.37 31.99 -10.49
CA LYS C 308 24.31 30.93 -10.10
C LYS C 308 25.01 31.31 -8.78
N VAL C 309 25.72 30.35 -8.17
CA VAL C 309 26.50 30.60 -6.97
C VAL C 309 27.93 30.06 -7.11
N VAL C 310 28.92 30.92 -6.83
CA VAL C 310 30.32 30.52 -6.94
C VAL C 310 31.22 31.21 -5.91
C1 NAG D . -0.85 38.09 -8.47
C2 NAG D . -1.37 37.41 -7.19
C3 NAG D . -2.75 37.97 -6.79
C4 NAG D . -2.73 39.49 -6.76
C5 NAG D . -2.19 40.04 -8.07
C6 NAG D . -2.01 41.55 -8.04
C7 NAG D . -1.19 35.07 -6.42
C8 NAG D . -1.34 33.63 -6.80
N2 NAG D . -1.45 35.97 -7.37
O3 NAG D . -3.11 37.48 -5.51
O4 NAG D . -4.06 39.97 -6.57
O5 NAG D . -0.89 39.51 -8.32
O6 NAG D . -1.09 41.94 -7.04
O7 NAG D . -0.82 35.41 -5.29
C1 NAG E . 17.52 13.24 -24.11
C2 NAG E . 18.91 12.66 -23.86
C3 NAG E . 19.24 11.58 -24.89
C4 NAG E . 18.12 10.53 -24.94
C5 NAG E . 16.77 11.20 -25.14
C6 NAG E . 15.62 10.22 -24.98
C7 NAG E . 20.73 13.97 -22.84
C8 NAG E . 20.54 13.12 -21.62
N2 NAG E . 19.92 13.70 -23.87
O3 NAG E . 20.46 10.94 -24.55
O4 NAG E . 18.37 9.62 -26.01
O5 NAG E . 16.56 12.20 -24.14
O6 NAG E . 15.21 10.19 -23.63
O7 NAG E . 21.57 14.85 -22.89
C1 NAG F . -10.77 41.67 -14.45
C2 NAG F . -11.33 42.39 -15.67
C3 NAG F . -10.70 43.79 -15.79
C4 NAG F . -9.32 43.86 -15.13
C5 NAG F . -9.32 43.33 -13.70
C6 NAG F . -9.20 44.41 -12.64
C7 NAG F . -12.00 40.77 -17.40
C8 NAG F . -13.31 40.64 -16.66
N2 NAG F . -11.11 41.62 -16.87
O3 NAG F . -11.55 44.79 -15.24
O4 NAG F . -8.36 43.14 -15.91
O5 NAG F . -10.53 42.60 -13.41
O6 NAG F . -8.07 44.19 -11.81
O7 NAG F . -11.77 40.12 -18.41
C1 NAG G . -17.46 37.53 -15.07
C2 NAG G . -18.62 36.58 -14.73
C3 NAG G . -19.69 37.34 -13.96
C4 NAG G . -19.08 38.02 -12.73
C5 NAG G . -17.89 38.89 -13.14
C6 NAG G . -17.12 39.43 -11.96
C7 NAG G . -19.84 36.60 -16.90
C8 NAG G . -20.35 35.76 -18.02
N2 NAG G . -19.18 35.95 -15.92
O3 NAG G . -20.73 36.47 -13.55
O4 NAG G . -20.06 38.84 -12.10
O5 NAG G . -16.94 38.09 -13.88
O6 NAG G . -15.75 39.03 -12.00
O7 NAG G . -20.00 37.82 -16.88
C1 NAG H . -14.39 19.84 -15.49
C2 NAG H . -15.16 18.83 -16.33
C3 NAG H . -15.82 17.76 -15.45
C4 NAG H . -14.82 17.16 -14.47
C5 NAG H . -14.15 18.28 -13.69
C6 NAG H . -13.07 17.80 -12.75
C7 NAG H . -16.53 19.08 -18.36
C8 NAG H . -17.59 19.90 -19.05
N2 NAG H . -16.16 19.49 -17.15
O3 NAG H . -16.34 16.74 -16.29
O4 NAG H . -15.50 16.28 -13.58
O5 NAG H . -13.50 19.15 -14.61
O6 NAG H . -11.93 17.35 -13.47
O7 NAG H . -16.03 18.08 -18.89
C1 NAG I . 0.36 42.82 -14.38
C2 NAG I . -0.51 43.54 -13.33
C3 NAG I . -0.25 45.05 -13.37
C4 NAG I . 1.24 45.34 -13.22
C5 NAG I . 2.01 44.61 -14.32
C6 NAG I . 3.51 44.76 -14.19
C7 NAG I . -2.65 42.54 -12.67
C8 NAG I . -4.10 42.36 -13.04
N2 NAG I . -1.92 43.27 -13.53
O3 NAG I . -0.97 45.69 -12.33
O4 NAG I . 1.48 46.74 -13.34
O5 NAG I . 1.73 43.21 -14.23
O6 NAG I . 4.17 43.82 -15.02
O7 NAG I . -2.18 42.07 -11.65
#